data_3US8
#
_entry.id   3US8
#
_cell.length_a   68.458
_cell.length_b   96.208
_cell.length_c   146.538
_cell.angle_alpha   90.00
_cell.angle_beta   90.00
_cell.angle_gamma   90.00
#
_symmetry.space_group_name_H-M   'P 21 21 21'
#
loop_
_entity.id
_entity.type
_entity.pdbx_description
1 polymer 'Isocitrate dehydrogenase [NADP]'
2 non-polymer 'SULFATE ION'
3 water water
#
_entity_poly.entity_id   1
_entity_poly.type   'polypeptide(L)'
_entity_poly.pdbx_seq_one_letter_code
;(MSE)HHHHHHSSGVDLGTENLYFQS(MSE)(MSE)AKIKVANPVVELDGDE(MSE)TRIIWQFIKDKLIHPYLDLDLEY
YDLGVENRDATDDQVTIDAANAIKKHGVGVKCATITPDEGRVEEFKLKK(MSE)WKSPNGTIRNILGGVIFREPIICKNV
PRLVPGWTKPIIVGRHAFGDQYRATDFKFPGKGKLSIKFVGEDGQTIEHDVYDAPGAGVALA(MSE)YNLDESITEFARA
SFNYGLQRKVPVYLSTKNTILKAYDGRFKDIFQKVFDEEFAAQFKAEKLWYEHRLIDD(MSE)VASALKWSGGYVWACKN
YDGDVQSDIVAQGFGSLGL(MSE)TSVL(MSE)TPDGKTVEAEAAHGTVTRHYRQHQKGEETSTNSIASIFAWTRGLAHR
AKLDGNAELAKFSETLERVCVDTVESGF(MSE)TKDLALLIGPDQPWLSTTGFLDKIDENLRKA(MSE)AA
;
_entity_poly.pdbx_strand_id   A,B
#
loop_
_chem_comp.id
_chem_comp.type
_chem_comp.name
_chem_comp.formula
SO4 non-polymer 'SULFATE ION' 'O4 S -2'
#
# COMPACT_ATOMS: atom_id res chain seq x y z
N ALA A 25 35.20 4.33 -27.97
CA ALA A 25 34.07 3.77 -28.78
C ALA A 25 34.43 2.47 -29.59
N LYS A 26 33.44 1.64 -29.99
CA LYS A 26 33.68 0.49 -30.89
C LYS A 26 32.37 -0.02 -31.54
N ILE A 27 31.36 -0.43 -30.77
CA ILE A 27 30.01 -0.67 -31.30
C ILE A 27 29.37 0.66 -31.72
N LYS A 28 28.96 0.78 -32.96
CA LYS A 28 28.47 2.05 -33.44
C LYS A 28 26.96 2.12 -33.15
N VAL A 29 26.51 3.22 -32.57
CA VAL A 29 25.10 3.38 -32.27
C VAL A 29 24.59 4.49 -33.15
N ALA A 30 23.59 4.19 -33.99
CA ALA A 30 23.18 5.05 -35.09
C ALA A 30 22.41 6.26 -34.58
N ASN A 31 21.45 6.04 -33.68
CA ASN A 31 20.66 7.14 -33.13
C ASN A 31 21.01 7.51 -31.68
N PRO A 32 20.65 8.75 -31.28
CA PRO A 32 21.08 9.20 -29.96
C PRO A 32 20.22 8.58 -28.83
N VAL A 33 20.74 8.71 -27.61
CA VAL A 33 20.07 8.36 -26.40
C VAL A 33 19.94 9.64 -25.62
N VAL A 34 18.74 9.86 -25.06
CA VAL A 34 18.57 11.05 -24.26
C VAL A 34 19.00 10.78 -22.80
N GLU A 35 19.93 11.58 -22.30
CA GLU A 35 20.50 11.39 -20.97
C GLU A 35 20.00 12.47 -20.00
N LEU A 36 19.40 12.02 -18.90
CA LEU A 36 18.91 12.92 -17.84
C LEU A 36 19.85 12.79 -16.63
N ASP A 37 20.64 13.83 -16.39
CA ASP A 37 21.64 13.81 -15.34
C ASP A 37 20.95 14.14 -13.99
N GLY A 38 21.50 13.66 -12.86
CA GLY A 38 20.80 13.70 -11.58
C GLY A 38 21.64 14.45 -10.51
N ASP A 39 21.50 14.01 -9.26
CA ASP A 39 21.95 14.75 -8.06
C ASP A 39 22.88 13.89 -7.16
N GLU A 40 23.73 14.56 -6.40
CA GLU A 40 24.43 13.97 -5.25
C GLU A 40 25.16 12.65 -5.59
N MSE A 41 25.08 11.61 -4.75
CA MSE A 41 25.99 10.47 -4.95
C MSE A 41 25.64 9.77 -6.27
O MSE A 41 26.51 9.19 -6.96
CB MSE A 41 25.81 9.54 -3.74
CG MSE A 41 26.84 8.43 -3.81
SE MSE A 41 28.65 9.23 -3.49
CE MSE A 41 29.71 8.10 -4.69
N THR A 42 24.37 9.82 -6.63
CA THR A 42 23.98 9.17 -7.91
C THR A 42 24.58 9.83 -9.13
N ARG A 43 24.67 11.15 -9.11
CA ARG A 43 25.36 11.93 -10.15
C ARG A 43 26.82 11.47 -10.30
N ILE A 44 27.52 11.26 -9.16
CA ILE A 44 28.92 10.74 -9.14
C ILE A 44 29.03 9.36 -9.80
N ILE A 45 28.18 8.43 -9.39
CA ILE A 45 28.08 7.06 -9.91
C ILE A 45 27.81 7.07 -11.43
N TRP A 46 26.86 7.92 -11.82
CA TRP A 46 26.38 8.00 -13.16
C TRP A 46 27.53 8.38 -14.07
N GLN A 47 28.38 9.29 -13.59
CA GLN A 47 29.53 9.73 -14.34
C GLN A 47 30.59 8.63 -14.47
N PHE A 48 30.86 7.90 -13.39
CA PHE A 48 31.79 6.74 -13.49
C PHE A 48 31.22 5.76 -14.53
N ILE A 49 29.90 5.52 -14.52
CA ILE A 49 29.31 4.60 -15.50
C ILE A 49 29.55 5.10 -16.91
N LYS A 50 29.26 6.35 -17.19
CA LYS A 50 29.50 6.83 -18.57
C LYS A 50 30.97 6.75 -18.94
N ASP A 51 31.87 7.14 -18.03
CA ASP A 51 33.30 7.14 -18.36
C ASP A 51 33.93 5.73 -18.50
N LYS A 52 33.57 4.81 -17.62
CA LYS A 52 34.21 3.52 -17.63
C LYS A 52 33.44 2.47 -18.42
N LEU A 53 32.09 2.50 -18.39
CA LEU A 53 31.33 1.34 -18.94
C LEU A 53 30.64 1.59 -20.28
N ILE A 54 30.51 2.86 -20.66
CA ILE A 54 29.76 3.26 -21.84
C ILE A 54 30.69 3.79 -22.89
N HIS A 55 31.39 4.89 -22.63
CA HIS A 55 32.18 5.54 -23.70
C HIS A 55 33.28 4.69 -24.32
N PRO A 56 33.92 3.83 -23.50
CA PRO A 56 34.99 2.97 -24.02
C PRO A 56 34.49 1.89 -24.97
N TYR A 57 33.26 1.44 -24.76
CA TYR A 57 32.67 0.40 -25.60
C TYR A 57 31.81 0.87 -26.77
N LEU A 58 31.31 2.09 -26.72
CA LEU A 58 30.19 2.39 -27.59
C LEU A 58 30.47 3.73 -28.22
N ASP A 59 30.20 3.83 -29.51
CA ASP A 59 30.25 5.10 -30.22
C ASP A 59 28.82 5.65 -30.16
N LEU A 60 28.58 6.51 -29.19
CA LEU A 60 27.20 6.82 -28.80
C LEU A 60 26.95 8.31 -28.78
N ASP A 61 25.85 8.81 -29.38
CA ASP A 61 25.52 10.26 -29.22
C ASP A 61 24.55 10.42 -28.07
N LEU A 62 24.88 11.28 -27.13
CA LEU A 62 24.02 11.50 -26.00
C LEU A 62 23.44 12.86 -26.18
N GLU A 63 22.13 12.94 -26.10
CA GLU A 63 21.50 14.21 -26.11
C GLU A 63 21.24 14.56 -24.59
N TYR A 64 21.98 15.55 -24.07
CA TYR A 64 22.21 15.69 -22.64
C TYR A 64 21.25 16.69 -21.97
N TYR A 65 20.56 16.34 -20.90
CA TYR A 65 19.73 17.32 -20.11
C TYR A 65 20.18 17.15 -18.69
N ASP A 66 20.51 18.25 -18.03
CA ASP A 66 20.98 18.20 -16.67
C ASP A 66 19.80 18.44 -15.78
N LEU A 67 19.30 17.40 -15.12
CA LEU A 67 18.20 17.64 -14.20
C LEU A 67 18.73 17.66 -12.79
N GLY A 68 20.04 17.85 -12.65
CA GLY A 68 20.57 18.32 -11.34
C GLY A 68 19.65 19.39 -10.74
N VAL A 69 19.51 19.47 -9.43
CA VAL A 69 18.53 20.46 -8.91
C VAL A 69 18.90 21.91 -9.22
N GLU A 70 20.21 22.19 -9.31
CA GLU A 70 20.60 23.56 -9.55
C GLU A 70 20.33 24.01 -10.95
N ASN A 71 20.55 23.07 -11.90
CA ASN A 71 20.08 23.32 -13.24
C ASN A 71 18.52 23.36 -13.38
N ARG A 72 17.77 22.58 -12.58
CA ARG A 72 16.33 22.81 -12.64
C ARG A 72 15.99 24.24 -12.13
N ASP A 73 16.69 24.64 -11.07
CA ASP A 73 16.48 25.92 -10.49
C ASP A 73 16.84 27.00 -11.53
N ALA A 74 17.98 26.89 -12.21
CA ALA A 74 18.34 27.97 -13.19
C ALA A 74 17.35 28.11 -14.34
N THR A 75 16.78 27.00 -14.79
CA THR A 75 15.89 27.04 -15.95
C THR A 75 14.42 27.07 -15.52
N ASP A 76 14.11 27.33 -14.25
CA ASP A 76 12.70 27.26 -13.77
C ASP A 76 12.05 25.93 -14.14
N ASP A 77 12.84 24.83 -14.08
CA ASP A 77 12.37 23.47 -14.30
C ASP A 77 12.00 23.24 -15.75
N GLN A 78 12.24 24.21 -16.60
CA GLN A 78 12.01 23.92 -18.04
C GLN A 78 12.83 22.75 -18.55
N VAL A 79 14.05 22.58 -18.02
CA VAL A 79 14.90 21.50 -18.54
C VAL A 79 14.16 20.14 -18.39
N THR A 80 13.29 19.98 -17.39
CA THR A 80 12.64 18.70 -17.19
C THR A 80 11.62 18.40 -18.29
N ILE A 81 10.88 19.45 -18.67
CA ILE A 81 9.87 19.32 -19.75
C ILE A 81 10.62 19.04 -21.07
N ASP A 82 11.65 19.84 -21.36
CA ASP A 82 12.48 19.61 -22.56
C ASP A 82 13.06 18.19 -22.66
N ALA A 83 13.73 17.71 -21.62
CA ALA A 83 14.20 16.28 -21.56
C ALA A 83 13.06 15.27 -21.93
N ALA A 84 11.90 15.42 -21.32
CA ALA A 84 10.81 14.47 -21.54
C ALA A 84 10.33 14.54 -22.99
N ASN A 85 10.24 15.77 -23.52
CA ASN A 85 9.90 15.92 -24.95
C ASN A 85 10.98 15.33 -25.86
N ALA A 86 12.25 15.46 -25.46
CA ALA A 86 13.32 14.88 -26.30
C ALA A 86 13.27 13.35 -26.26
N ILE A 87 12.84 12.79 -25.13
CA ILE A 87 12.72 11.31 -25.06
C ILE A 87 11.59 10.91 -26.02
N LYS A 88 10.52 11.69 -26.04
CA LYS A 88 9.43 11.31 -26.97
C LYS A 88 9.95 11.36 -28.42
N LYS A 89 10.77 12.36 -28.71
CA LYS A 89 11.27 12.51 -30.06
C LYS A 89 12.16 11.33 -30.47
N HIS A 90 13.17 11.04 -29.65
CA HIS A 90 14.22 10.03 -29.99
C HIS A 90 13.96 8.61 -29.57
N GLY A 91 12.97 8.34 -28.71
CA GLY A 91 12.60 6.96 -28.38
C GLY A 91 13.22 6.35 -27.11
N VAL A 92 14.34 6.88 -26.64
CA VAL A 92 15.10 6.30 -25.50
C VAL A 92 15.55 7.41 -24.53
N GLY A 93 15.17 7.25 -23.28
CA GLY A 93 15.79 8.04 -22.19
C GLY A 93 16.44 7.16 -21.11
N VAL A 94 17.56 7.63 -20.53
CA VAL A 94 18.12 7.01 -19.36
C VAL A 94 18.25 8.09 -18.30
N LYS A 95 17.86 7.81 -17.07
CA LYS A 95 17.68 8.88 -16.09
C LYS A 95 18.32 8.54 -14.77
N CYS A 96 19.18 9.46 -14.32
CA CYS A 96 19.88 9.41 -13.03
C CYS A 96 18.87 9.75 -11.92
N ALA A 97 19.00 9.24 -10.70
CA ALA A 97 18.10 9.66 -9.59
C ALA A 97 18.32 11.16 -9.29
N THR A 98 17.25 11.86 -8.90
CA THR A 98 17.30 13.30 -8.75
C THR A 98 16.74 13.62 -7.40
N ILE A 99 17.02 14.83 -6.91
CA ILE A 99 16.34 15.33 -5.72
C ILE A 99 14.91 15.84 -6.02
N THR A 100 13.95 15.46 -5.19
CA THR A 100 12.65 16.19 -5.16
C THR A 100 12.64 17.13 -3.96
N PRO A 101 12.69 18.45 -4.23
CA PRO A 101 13.00 19.46 -3.20
C PRO A 101 11.94 19.43 -2.11
N ASP A 102 12.40 19.49 -0.86
CA ASP A 102 11.52 19.87 0.24
C ASP A 102 12.08 21.19 0.82
N GLU A 103 11.51 21.64 1.95
CA GLU A 103 11.85 22.92 2.56
C GLU A 103 13.34 22.93 2.85
N GLY A 104 13.87 21.79 3.31
CA GLY A 104 15.29 21.63 3.64
C GLY A 104 16.11 21.98 2.41
N ARG A 105 15.74 21.40 1.28
CA ARG A 105 16.45 21.59 0.00
C ARG A 105 16.36 23.04 -0.51
N VAL A 106 15.19 23.69 -0.34
CA VAL A 106 14.96 25.06 -0.80
C VAL A 106 16.01 25.94 -0.12
N GLU A 107 16.22 25.68 1.16
CA GLU A 107 17.11 26.48 1.95
C GLU A 107 18.54 26.08 1.65
N GLU A 108 18.81 24.78 1.58
CA GLU A 108 20.14 24.29 1.20
C GLU A 108 20.69 24.80 -0.15
N PHE A 109 19.89 24.81 -1.21
CA PHE A 109 20.38 25.27 -2.51
C PHE A 109 19.85 26.68 -2.85
N LYS A 110 19.12 27.30 -1.91
CA LYS A 110 18.50 28.62 -2.12
C LYS A 110 17.74 28.63 -3.47
N LEU A 111 16.84 27.64 -3.60
CA LEU A 111 15.97 27.47 -4.73
C LEU A 111 14.96 28.64 -4.79
N LYS A 112 14.50 28.95 -6.00
CA LYS A 112 13.48 29.92 -6.21
C LYS A 112 12.15 29.45 -5.62
N LYS A 113 11.95 28.14 -5.59
CA LYS A 113 10.74 27.57 -4.98
C LYS A 113 10.93 26.06 -4.89
N MSE A 114 9.92 25.40 -4.37
CA MSE A 114 9.97 23.96 -4.15
C MSE A 114 9.52 23.24 -5.42
O MSE A 114 8.43 22.78 -5.53
CB MSE A 114 9.06 23.73 -2.93
CG MSE A 114 9.52 22.47 -2.26
SE MSE A 114 8.26 21.86 -0.81
CE MSE A 114 8.63 23.40 0.34
N TRP A 115 10.38 23.18 -6.42
CA TRP A 115 10.01 22.57 -7.68
C TRP A 115 9.37 21.20 -7.49
N LYS A 116 8.35 20.90 -8.29
CA LYS A 116 7.71 19.58 -8.16
C LYS A 116 8.55 18.39 -8.65
N SER A 117 8.15 17.20 -8.20
CA SER A 117 8.77 15.95 -8.63
C SER A 117 9.09 15.96 -10.13
N PRO A 118 10.37 15.81 -10.50
CA PRO A 118 10.65 15.80 -11.94
C PRO A 118 10.10 14.49 -12.57
N ASN A 119 10.04 13.40 -11.80
CA ASN A 119 9.45 12.15 -12.32
C ASN A 119 7.99 12.28 -12.61
N GLY A 120 7.26 12.92 -11.71
CA GLY A 120 5.87 13.31 -11.96
C GLY A 120 5.67 14.01 -13.30
N THR A 121 6.53 14.98 -13.59
CA THR A 121 6.38 15.82 -14.82
C THR A 121 6.72 14.96 -16.00
N ILE A 122 7.79 14.19 -15.88
CA ILE A 122 8.19 13.32 -16.98
C ILE A 122 7.10 12.28 -17.31
N ARG A 123 6.51 11.67 -16.28
CA ARG A 123 5.54 10.62 -16.49
C ARG A 123 4.26 11.22 -17.06
N ASN A 124 3.92 12.43 -16.64
CA ASN A 124 2.68 13.03 -17.10
C ASN A 124 2.85 13.32 -18.56
N ILE A 125 4.07 13.64 -19.03
CA ILE A 125 4.26 13.89 -20.47
C ILE A 125 4.21 12.56 -21.28
N LEU A 126 4.89 11.50 -20.77
CA LEU A 126 5.12 10.29 -21.53
C LEU A 126 3.94 9.27 -21.43
N GLY A 127 3.29 9.19 -20.27
CA GLY A 127 2.15 8.26 -20.06
C GLY A 127 2.71 6.83 -20.03
N GLY A 128 1.83 5.83 -20.06
CA GLY A 128 2.33 4.45 -20.25
C GLY A 128 2.38 3.72 -18.91
N VAL A 129 3.30 2.76 -18.83
CA VAL A 129 3.37 1.94 -17.66
C VAL A 129 4.88 1.86 -17.28
N ILE A 130 5.18 1.84 -15.99
CA ILE A 130 6.53 1.70 -15.55
C ILE A 130 6.62 0.28 -15.12
N PHE A 131 7.47 -0.50 -15.81
CA PHE A 131 7.61 -1.84 -15.43
C PHE A 131 8.76 -1.97 -14.39
N ARG A 132 8.48 -2.63 -13.26
CA ARG A 132 9.49 -2.77 -12.22
C ARG A 132 9.67 -4.23 -11.85
N GLU A 133 10.92 -4.61 -11.68
CA GLU A 133 11.25 -6.03 -11.49
C GLU A 133 12.57 -6.16 -10.71
N PRO A 134 12.66 -7.12 -9.78
CA PRO A 134 13.88 -7.25 -9.00
C PRO A 134 14.98 -7.79 -9.88
N ILE A 135 16.21 -7.34 -9.61
CA ILE A 135 17.42 -7.84 -10.26
C ILE A 135 17.93 -8.94 -9.29
N ILE A 136 17.82 -10.21 -9.68
CA ILE A 136 17.97 -11.38 -8.78
C ILE A 136 19.43 -11.85 -8.71
N CYS A 137 20.00 -11.78 -7.52
CA CYS A 137 21.34 -12.33 -7.25
C CYS A 137 21.09 -13.47 -6.26
N LYS A 138 21.39 -14.68 -6.69
CA LYS A 138 21.17 -15.91 -5.91
C LYS A 138 21.76 -15.95 -4.48
N ASN A 139 22.83 -15.21 -4.22
CA ASN A 139 23.52 -15.28 -2.94
C ASN A 139 22.98 -14.19 -1.99
N VAL A 140 22.01 -13.40 -2.45
CA VAL A 140 21.42 -12.37 -1.63
C VAL A 140 20.09 -12.92 -1.08
N PRO A 141 19.95 -13.03 0.27
CA PRO A 141 18.76 -13.56 0.89
C PRO A 141 17.57 -12.60 0.68
N ARG A 142 16.38 -13.18 0.56
CA ARG A 142 15.11 -12.44 0.53
C ARG A 142 14.59 -12.22 1.91
N LEU A 143 13.76 -11.21 2.09
CA LEU A 143 13.06 -11.03 3.35
C LEU A 143 11.82 -11.92 3.41
N VAL A 144 11.43 -12.41 2.25
CA VAL A 144 10.23 -13.26 2.05
C VAL A 144 10.71 -14.52 1.34
N PRO A 145 11.07 -15.57 2.13
CA PRO A 145 11.62 -16.80 1.54
C PRO A 145 10.67 -17.47 0.59
N GLY A 146 9.38 -17.20 0.71
CA GLY A 146 8.45 -17.83 -0.22
C GLY A 146 8.56 -17.28 -1.65
N TRP A 147 9.31 -16.20 -1.86
CA TRP A 147 9.34 -15.60 -3.22
C TRP A 147 10.41 -16.18 -4.15
N THR A 148 10.05 -17.29 -4.72
CA THR A 148 10.86 -18.13 -5.53
C THR A 148 10.97 -17.66 -7.01
N LYS A 149 9.98 -16.90 -7.46
CA LYS A 149 9.98 -16.37 -8.83
C LYS A 149 9.78 -14.85 -8.80
N PRO A 150 10.33 -14.15 -9.79
CA PRO A 150 10.22 -12.67 -9.84
C PRO A 150 8.77 -12.20 -9.83
N ILE A 151 8.49 -11.07 -9.19
CA ILE A 151 7.14 -10.38 -9.35
C ILE A 151 7.42 -9.20 -10.22
N ILE A 152 6.63 -9.01 -11.27
CA ILE A 152 6.81 -7.82 -12.07
C ILE A 152 5.68 -6.86 -11.70
N VAL A 153 5.99 -5.60 -11.46
CA VAL A 153 4.91 -4.70 -11.18
C VAL A 153 4.84 -3.81 -12.37
N GLY A 154 3.63 -3.65 -12.95
CA GLY A 154 3.45 -2.69 -14.01
C GLY A 154 2.63 -1.56 -13.44
N ARG A 155 3.27 -0.43 -13.22
CA ARG A 155 2.66 0.64 -12.47
C ARG A 155 2.20 1.59 -13.49
N HIS A 156 0.87 1.81 -13.50
CA HIS A 156 0.27 2.78 -14.43
C HIS A 156 0.94 4.11 -14.22
N ALA A 157 1.52 4.72 -15.26
CA ALA A 157 2.31 5.93 -14.99
C ALA A 157 1.56 7.26 -15.01
N PHE A 158 0.27 7.26 -15.34
CA PHE A 158 -0.46 8.51 -15.57
C PHE A 158 -1.53 8.81 -14.49
N GLY A 159 -1.64 10.07 -14.08
CA GLY A 159 -2.84 10.60 -13.39
C GLY A 159 -2.96 10.22 -11.94
N ASP A 160 -4.21 10.14 -11.47
CA ASP A 160 -4.52 9.85 -10.07
C ASP A 160 -3.75 10.84 -9.14
N GLN A 161 -3.12 10.34 -8.07
CA GLN A 161 -2.48 11.21 -7.05
C GLN A 161 -1.34 12.05 -7.58
N TYR A 162 -0.79 11.65 -8.72
CA TYR A 162 0.44 12.24 -9.22
C TYR A 162 0.18 13.33 -10.19
N ARG A 163 -1.10 13.64 -10.37
CA ARG A 163 -1.49 14.86 -11.09
C ARG A 163 -2.80 15.48 -10.56
N ALA A 164 -2.93 15.48 -9.23
CA ALA A 164 -4.08 15.88 -8.51
C ALA A 164 -4.05 17.37 -8.14
N THR A 165 -5.22 17.92 -7.80
CA THR A 165 -5.29 19.29 -7.33
C THR A 165 -5.71 19.21 -5.85
N ASP A 166 -4.90 19.66 -4.91
CA ASP A 166 -5.25 19.56 -3.46
C ASP A 166 -5.05 20.88 -2.72
N PHE A 167 -5.85 21.11 -1.68
CA PHE A 167 -5.86 22.37 -1.01
C PHE A 167 -6.53 22.20 0.32
N LYS A 168 -6.24 23.10 1.27
CA LYS A 168 -6.94 23.19 2.50
C LYS A 168 -8.15 24.08 2.27
N PHE A 169 -9.22 23.83 3.01
CA PHE A 169 -10.34 24.74 3.06
C PHE A 169 -10.49 25.20 4.51
N PRO A 170 -10.82 26.47 4.74
CA PRO A 170 -10.53 27.01 6.07
C PRO A 170 -11.65 26.87 7.09
N GLY A 171 -12.86 26.36 6.78
CA GLY A 171 -13.96 26.33 7.80
C GLY A 171 -15.21 25.68 7.24
N LYS A 172 -16.36 25.79 7.92
CA LYS A 172 -17.59 25.15 7.44
C LYS A 172 -17.91 25.63 6.05
N GLY A 173 -18.52 24.78 5.22
CA GLY A 173 -18.93 25.17 3.87
C GLY A 173 -19.12 23.92 3.03
N LYS A 174 -19.31 24.10 1.75
CA LYS A 174 -19.71 23.01 0.94
C LYS A 174 -18.65 22.81 -0.07
N LEU A 175 -18.31 21.56 -0.26
CA LEU A 175 -17.36 21.17 -1.27
C LEU A 175 -18.15 20.51 -2.42
N SER A 176 -17.78 20.81 -3.67
CA SER A 176 -18.36 20.22 -4.84
C SER A 176 -17.34 20.06 -5.93
N ILE A 177 -17.66 19.20 -6.90
CA ILE A 177 -16.77 18.96 -7.99
C ILE A 177 -17.63 19.14 -9.22
N LYS A 178 -17.03 19.53 -10.36
CA LYS A 178 -17.84 19.88 -11.54
C LYS A 178 -17.10 19.55 -12.84
N PHE A 179 -17.84 19.10 -13.85
CA PHE A 179 -17.29 18.89 -15.13
C PHE A 179 -18.16 19.66 -16.13
N VAL A 180 -17.56 20.45 -16.99
CA VAL A 180 -18.30 21.16 -18.04
C VAL A 180 -17.81 20.62 -19.37
N GLY A 181 -18.64 19.90 -20.08
CA GLY A 181 -18.29 19.44 -21.43
C GLY A 181 -17.83 20.58 -22.36
N GLU A 182 -17.08 20.25 -23.40
CA GLU A 182 -16.63 21.27 -24.33
C GLU A 182 -17.82 21.82 -25.11
N ASP A 183 -18.78 20.94 -25.33
CA ASP A 183 -20.03 21.35 -25.86
C ASP A 183 -20.92 22.15 -24.81
N GLY A 184 -20.44 22.36 -23.58
CA GLY A 184 -21.30 23.01 -22.56
C GLY A 184 -22.14 22.20 -21.53
N GLN A 185 -22.56 20.94 -21.79
CA GLN A 185 -23.18 19.99 -20.80
C GLN A 185 -22.42 19.78 -19.48
N THR A 186 -23.13 19.73 -18.35
CA THR A 186 -22.51 19.98 -17.06
C THR A 186 -22.86 18.92 -16.07
N ILE A 187 -21.84 18.34 -15.43
CA ILE A 187 -22.04 17.39 -14.36
C ILE A 187 -21.55 18.08 -13.09
N GLU A 188 -22.30 17.99 -12.02
CA GLU A 188 -21.91 18.67 -10.78
C GLU A 188 -22.45 17.88 -9.59
N HIS A 189 -21.62 17.69 -8.57
CA HIS A 189 -21.95 16.86 -7.42
C HIS A 189 -21.46 17.56 -6.20
N ASP A 190 -22.29 17.60 -5.16
CA ASP A 190 -21.88 18.01 -3.83
C ASP A 190 -21.00 16.91 -3.30
N VAL A 191 -19.97 17.27 -2.54
CA VAL A 191 -19.02 16.28 -2.13
C VAL A 191 -19.12 16.15 -0.62
N TYR A 192 -19.24 17.28 0.10
CA TYR A 192 -19.23 17.25 1.55
C TYR A 192 -19.72 18.59 2.01
N ASP A 193 -20.63 18.55 2.99
CA ASP A 193 -20.93 19.69 3.81
C ASP A 193 -19.93 19.68 4.97
N ALA A 194 -18.82 20.43 4.85
CA ALA A 194 -17.82 20.37 5.92
C ALA A 194 -18.32 21.05 7.19
N PRO A 195 -18.04 20.47 8.36
CA PRO A 195 -18.36 21.14 9.61
C PRO A 195 -17.24 22.05 10.14
N GLY A 196 -16.06 22.01 9.54
CA GLY A 196 -14.92 22.82 9.97
C GLY A 196 -13.82 22.67 8.92
N ALA A 197 -12.64 23.19 9.22
CA ALA A 197 -11.47 23.25 8.32
C ALA A 197 -11.00 21.84 7.92
N GLY A 198 -10.47 21.70 6.71
CA GLY A 198 -10.10 20.42 6.17
C GLY A 198 -9.20 20.54 4.93
N VAL A 199 -9.11 19.41 4.20
CA VAL A 199 -8.39 19.27 2.99
C VAL A 199 -9.24 18.55 1.95
N ALA A 200 -8.97 18.84 0.67
CA ALA A 200 -9.77 18.24 -0.37
C ALA A 200 -8.83 18.02 -1.51
N LEU A 201 -9.11 17.01 -2.34
CA LEU A 201 -8.34 16.92 -3.59
C LEU A 201 -9.28 16.41 -4.63
N ALA A 202 -8.95 16.73 -5.87
CA ALA A 202 -9.56 16.08 -7.04
C ALA A 202 -8.44 15.43 -7.83
N MSE A 203 -8.78 14.30 -8.46
CA MSE A 203 -7.83 13.60 -9.32
C MSE A 203 -8.62 12.95 -10.43
O MSE A 203 -9.83 12.90 -10.37
CB MSE A 203 -7.08 12.57 -8.45
CG MSE A 203 -7.98 11.42 -7.96
SE MSE A 203 -6.80 10.22 -6.90
CE MSE A 203 -7.28 8.43 -7.51
N TYR A 204 -7.93 12.47 -11.45
CA TYR A 204 -8.60 11.92 -12.62
C TYR A 204 -7.77 10.86 -13.31
N ASN A 205 -8.41 10.13 -14.20
CA ASN A 205 -7.70 9.34 -15.19
C ASN A 205 -8.46 9.39 -16.54
N LEU A 206 -7.88 8.77 -17.57
CA LEU A 206 -8.36 8.89 -18.91
C LEU A 206 -8.67 7.49 -19.45
N ASP A 207 -9.83 7.29 -20.08
CA ASP A 207 -10.15 5.95 -20.65
C ASP A 207 -9.06 5.54 -21.60
N GLU A 208 -8.56 6.44 -22.39
CA GLU A 208 -7.50 6.02 -23.30
C GLU A 208 -6.14 5.64 -22.57
N SER A 209 -5.78 6.33 -21.50
CA SER A 209 -4.63 5.84 -20.71
C SER A 209 -4.92 4.44 -20.06
N ILE A 210 -6.10 4.26 -19.48
CA ILE A 210 -6.48 2.98 -18.89
C ILE A 210 -6.40 1.86 -19.95
N THR A 211 -6.92 2.11 -21.16
CA THR A 211 -6.90 1.10 -22.23
C THR A 211 -5.47 0.69 -22.52
N GLU A 212 -4.60 1.68 -22.66
CA GLU A 212 -3.23 1.38 -23.02
C GLU A 212 -2.45 0.68 -21.87
N PHE A 213 -2.77 1.04 -20.64
CA PHE A 213 -2.30 0.33 -19.39
C PHE A 213 -2.64 -1.15 -19.49
N ALA A 214 -3.90 -1.45 -19.81
CA ALA A 214 -4.31 -2.84 -19.98
C ALA A 214 -3.51 -3.49 -21.08
N ARG A 215 -3.38 -2.82 -22.21
CA ARG A 215 -2.82 -3.57 -23.34
C ARG A 215 -1.34 -3.85 -23.06
N ALA A 216 -0.67 -2.88 -22.44
CA ALA A 216 0.75 -3.01 -22.18
C ALA A 216 0.94 -4.13 -21.11
N SER A 217 0.07 -4.20 -20.11
CA SER A 217 0.16 -5.27 -19.13
C SER A 217 -0.03 -6.66 -19.71
N PHE A 218 -1.05 -6.84 -20.54
CA PHE A 218 -1.29 -8.18 -21.07
C PHE A 218 -0.17 -8.60 -22.02
N ASN A 219 0.30 -7.67 -22.85
CA ASN A 219 1.42 -7.87 -23.76
C ASN A 219 2.71 -8.28 -23.04
N TYR A 220 2.99 -7.60 -21.92
CA TYR A 220 4.14 -7.98 -21.13
C TYR A 220 3.97 -9.35 -20.50
N GLY A 221 2.77 -9.62 -20.04
CA GLY A 221 2.42 -10.93 -19.45
C GLY A 221 2.61 -12.00 -20.54
N LEU A 222 2.11 -11.73 -21.76
CA LEU A 222 2.30 -12.69 -22.87
C LEU A 222 3.74 -12.93 -23.16
N GLN A 223 4.51 -11.84 -23.31
CA GLN A 223 5.97 -11.90 -23.63
C GLN A 223 6.81 -12.66 -22.59
N ARG A 224 6.44 -12.60 -21.32
CA ARG A 224 7.25 -13.14 -20.23
C ARG A 224 6.62 -14.47 -19.90
N LYS A 225 5.50 -14.74 -20.54
CA LYS A 225 4.78 -15.96 -20.36
C LYS A 225 4.36 -16.20 -18.92
N VAL A 226 3.73 -15.19 -18.29
CA VAL A 226 3.17 -15.39 -16.94
C VAL A 226 1.77 -14.78 -16.88
N PRO A 227 0.95 -15.22 -15.92
CA PRO A 227 -0.36 -14.58 -15.78
C PRO A 227 -0.31 -13.10 -15.40
N VAL A 228 -1.47 -12.44 -15.41
CA VAL A 228 -1.54 -11.00 -15.10
C VAL A 228 -2.61 -10.80 -14.11
N TYR A 229 -2.39 -9.91 -13.13
CA TYR A 229 -3.39 -9.55 -12.13
C TYR A 229 -3.52 -8.04 -12.15
N LEU A 230 -4.74 -7.53 -11.97
CA LEU A 230 -4.99 -6.08 -11.71
C LEU A 230 -5.55 -5.97 -10.33
N SER A 231 -5.10 -4.99 -9.54
CA SER A 231 -5.75 -4.70 -8.30
C SER A 231 -6.48 -3.33 -8.32
N THR A 232 -7.69 -3.23 -7.75
CA THR A 232 -8.35 -1.91 -7.55
C THR A 232 -9.10 -1.96 -6.22
N LYS A 233 -9.79 -0.85 -5.86
CA LYS A 233 -10.81 -0.84 -4.80
C LYS A 233 -12.15 -0.53 -5.47
N ASN A 234 -12.56 -1.31 -6.46
CA ASN A 234 -13.77 -0.97 -7.21
C ASN A 234 -15.08 -1.13 -6.41
N THR A 235 -15.06 -1.91 -5.33
CA THR A 235 -16.18 -1.97 -4.42
C THR A 235 -16.37 -0.65 -3.67
N ILE A 236 -15.29 0.10 -3.44
CA ILE A 236 -15.43 1.41 -2.80
C ILE A 236 -15.61 2.53 -3.86
N LEU A 237 -14.81 2.51 -4.91
CA LEU A 237 -14.89 3.54 -5.94
C LEU A 237 -15.42 2.87 -7.15
N LYS A 238 -16.74 2.73 -7.16
CA LYS A 238 -17.45 1.98 -8.19
C LYS A 238 -17.32 2.60 -9.55
N ALA A 239 -17.34 3.93 -9.68
CA ALA A 239 -17.21 4.43 -11.03
C ALA A 239 -15.73 4.51 -11.43
N TYR A 240 -14.87 5.02 -10.53
CA TYR A 240 -13.47 5.30 -10.86
C TYR A 240 -12.68 3.99 -11.06
N ASP A 241 -12.60 3.19 -10.00
CA ASP A 241 -11.94 1.89 -10.05
C ASP A 241 -12.71 0.90 -10.90
N GLY A 242 -14.06 0.96 -10.86
CA GLY A 242 -14.92 0.10 -11.77
C GLY A 242 -14.52 0.29 -13.22
N ARG A 243 -14.09 1.50 -13.57
CA ARG A 243 -13.68 1.78 -14.96
C ARG A 243 -12.41 1.04 -15.35
N PHE A 244 -11.40 1.01 -14.45
CA PHE A 244 -10.19 0.19 -14.71
C PHE A 244 -10.61 -1.26 -14.81
N LYS A 245 -11.45 -1.73 -13.90
CA LYS A 245 -11.80 -3.11 -13.93
C LYS A 245 -12.49 -3.46 -15.28
N ASP A 246 -13.47 -2.65 -15.69
CA ASP A 246 -14.23 -2.90 -16.96
C ASP A 246 -13.36 -2.88 -18.19
N ILE A 247 -12.55 -1.84 -18.35
CA ILE A 247 -11.64 -1.77 -19.46
C ILE A 247 -10.70 -2.93 -19.47
N PHE A 248 -10.07 -3.28 -18.36
CA PHE A 248 -9.11 -4.41 -18.45
C PHE A 248 -9.82 -5.72 -18.94
N GLN A 249 -10.99 -6.03 -18.40
CA GLN A 249 -11.71 -7.24 -18.78
C GLN A 249 -12.12 -7.19 -20.26
N LYS A 250 -12.48 -5.98 -20.70
CA LYS A 250 -12.89 -5.86 -22.11
C LYS A 250 -11.72 -6.01 -23.08
N VAL A 251 -10.65 -5.26 -22.81
CA VAL A 251 -9.39 -5.44 -23.57
C VAL A 251 -8.95 -6.89 -23.50
N PHE A 252 -9.06 -7.50 -22.33
CA PHE A 252 -8.60 -8.88 -22.23
C PHE A 252 -9.48 -9.83 -23.04
N ASP A 253 -10.80 -9.73 -22.86
CA ASP A 253 -11.70 -10.62 -23.65
C ASP A 253 -11.52 -10.57 -25.18
N GLU A 254 -11.37 -9.36 -25.68
CA GLU A 254 -11.38 -9.12 -27.09
C GLU A 254 -10.02 -9.33 -27.70
N GLU A 255 -8.96 -8.95 -27.00
CA GLU A 255 -7.68 -8.93 -27.64
C GLU A 255 -6.69 -9.96 -27.06
N PHE A 256 -6.90 -10.52 -25.87
CA PHE A 256 -5.85 -11.42 -25.34
C PHE A 256 -6.29 -12.80 -24.85
N ALA A 257 -7.59 -13.01 -24.62
CA ALA A 257 -8.07 -14.24 -23.94
C ALA A 257 -7.54 -15.51 -24.62
N ALA A 258 -7.58 -15.51 -25.95
CA ALA A 258 -7.22 -16.66 -26.77
C ALA A 258 -5.74 -16.90 -26.67
N GLN A 259 -4.92 -15.87 -26.89
CA GLN A 259 -3.50 -16.06 -26.74
C GLN A 259 -3.05 -16.52 -25.35
N PHE A 260 -3.66 -15.97 -24.30
CA PHE A 260 -3.35 -16.39 -22.90
C PHE A 260 -3.73 -17.88 -22.68
N LYS A 261 -4.91 -18.26 -23.19
CA LYS A 261 -5.40 -19.64 -22.98
C LYS A 261 -4.48 -20.59 -23.73
N ALA A 262 -4.05 -20.20 -24.89
CA ALA A 262 -3.05 -20.95 -25.62
C ALA A 262 -1.69 -21.13 -24.92
N GLU A 263 -1.34 -20.24 -23.99
CA GLU A 263 -0.05 -20.25 -23.35
C GLU A 263 -0.25 -20.72 -21.94
N LYS A 264 -1.50 -21.03 -21.59
CA LYS A 264 -1.85 -21.52 -20.23
C LYS A 264 -1.69 -20.39 -19.20
N LEU A 265 -1.82 -19.13 -19.65
CA LEU A 265 -1.90 -17.96 -18.75
C LEU A 265 -3.34 -17.59 -18.41
N TRP A 266 -3.57 -16.59 -17.55
CA TRP A 266 -4.94 -16.11 -17.20
C TRP A 266 -4.83 -14.69 -16.74
N TYR A 267 -5.98 -14.07 -16.53
CA TYR A 267 -6.04 -12.73 -16.01
C TYR A 267 -7.07 -12.74 -14.94
N GLU A 268 -6.73 -12.12 -13.82
CA GLU A 268 -7.67 -11.98 -12.77
C GLU A 268 -7.61 -10.54 -12.14
N HIS A 269 -8.78 -9.97 -11.86
CA HIS A 269 -8.91 -8.77 -11.07
C HIS A 269 -9.05 -9.17 -9.63
N ARG A 270 -8.32 -8.51 -8.73
CA ARG A 270 -8.59 -8.70 -7.29
C ARG A 270 -8.65 -7.38 -6.59
N LEU A 271 -9.43 -7.33 -5.54
CA LEU A 271 -9.33 -6.20 -4.66
C LEU A 271 -7.89 -6.08 -4.12
N ILE A 272 -7.34 -4.87 -4.16
CA ILE A 272 -6.03 -4.54 -3.62
C ILE A 272 -5.66 -5.18 -2.26
N ASP A 273 -6.59 -5.19 -1.31
CA ASP A 273 -6.35 -5.80 -0.01
C ASP A 273 -6.27 -7.34 -0.07
N ASP A 274 -7.10 -7.96 -0.91
CA ASP A 274 -6.88 -9.36 -1.28
C ASP A 274 -5.51 -9.61 -2.04
N MSE A 275 -5.17 -8.76 -3.04
CA MSE A 275 -4.01 -8.98 -3.86
C MSE A 275 -2.74 -8.88 -3.04
O MSE A 275 -1.81 -9.60 -3.28
CB MSE A 275 -3.89 -7.85 -4.90
CG MSE A 275 -2.77 -8.06 -5.86
SE MSE A 275 -3.05 -9.78 -6.83
CE MSE A 275 -1.15 -10.00 -7.28
N VAL A 276 -2.70 -7.98 -2.11
CA VAL A 276 -1.50 -7.68 -1.35
C VAL A 276 -1.17 -8.85 -0.41
N ALA A 277 -2.19 -9.48 0.14
CA ALA A 277 -1.99 -10.63 1.01
C ALA A 277 -1.63 -11.82 0.16
N SER A 278 -2.31 -11.96 -1.01
CA SER A 278 -1.99 -13.08 -1.93
C SER A 278 -0.53 -13.00 -2.39
N ALA A 279 -0.11 -11.80 -2.74
CA ALA A 279 1.18 -11.63 -3.28
C ALA A 279 2.17 -12.11 -2.22
N LEU A 280 1.93 -11.81 -0.95
CA LEU A 280 2.89 -12.14 0.07
C LEU A 280 2.98 -13.72 0.20
N LYS A 281 1.83 -14.37 0.11
CA LYS A 281 1.65 -15.81 0.23
C LYS A 281 2.13 -16.58 -1.00
N TRP A 282 1.99 -16.02 -2.20
CA TRP A 282 2.34 -16.76 -3.44
C TRP A 282 3.82 -16.79 -3.69
N SER A 283 4.23 -17.56 -4.68
CA SER A 283 5.56 -17.78 -5.19
C SER A 283 6.12 -16.70 -6.08
N GLY A 284 5.30 -15.81 -6.57
CA GLY A 284 5.74 -14.94 -7.65
C GLY A 284 5.39 -15.47 -9.02
N GLY A 285 6.07 -14.95 -10.05
CA GLY A 285 5.83 -15.43 -11.43
C GLY A 285 4.59 -14.78 -12.04
N TYR A 286 4.42 -13.46 -11.96
CA TYR A 286 3.26 -12.91 -12.67
C TYR A 286 3.51 -11.42 -12.81
N VAL A 287 2.76 -10.78 -13.70
CA VAL A 287 2.79 -9.36 -13.87
C VAL A 287 1.60 -8.86 -13.07
N TRP A 288 1.83 -7.86 -12.20
CA TRP A 288 0.82 -7.30 -11.31
C TRP A 288 0.63 -5.87 -11.77
N ALA A 289 -0.49 -5.57 -12.40
CA ALA A 289 -0.78 -4.25 -12.89
C ALA A 289 -1.40 -3.48 -11.74
N CYS A 290 -0.75 -2.38 -11.38
CA CYS A 290 -1.21 -1.53 -10.29
C CYS A 290 -1.49 -0.14 -10.81
N LYS A 291 -2.54 0.45 -10.27
CA LYS A 291 -2.75 1.84 -10.38
C LYS A 291 -1.53 2.62 -9.86
N ASN A 292 -1.41 3.86 -10.35
CA ASN A 292 -0.22 4.70 -10.17
C ASN A 292 0.35 4.63 -8.70
N TYR A 293 -0.53 4.88 -7.74
CA TYR A 293 -0.18 4.96 -6.35
C TYR A 293 0.18 3.61 -5.78
N ASP A 294 -0.63 2.57 -6.09
CA ASP A 294 -0.36 1.25 -5.54
C ASP A 294 0.91 0.73 -6.18
N GLY A 295 1.20 1.06 -7.44
CA GLY A 295 2.45 0.57 -8.02
C GLY A 295 3.65 1.28 -7.40
N ASP A 296 3.49 2.55 -7.05
CA ASP A 296 4.54 3.26 -6.34
C ASP A 296 4.87 2.50 -5.03
N VAL A 297 3.85 2.25 -4.20
CA VAL A 297 4.06 1.69 -2.86
C VAL A 297 4.44 0.19 -2.92
N GLN A 298 3.65 -0.59 -3.65
CA GLN A 298 3.86 -2.00 -3.66
C GLN A 298 5.18 -2.37 -4.35
N SER A 299 5.60 -1.62 -5.36
CA SER A 299 6.81 -2.04 -5.98
C SER A 299 8.00 -1.80 -5.02
N ASP A 300 7.88 -0.92 -4.03
CA ASP A 300 9.01 -0.82 -3.07
C ASP A 300 8.99 -1.95 -2.06
N ILE A 301 7.80 -2.44 -1.75
CA ILE A 301 7.69 -3.62 -0.92
C ILE A 301 8.33 -4.82 -1.61
N VAL A 302 8.05 -4.98 -2.91
CA VAL A 302 8.54 -6.15 -3.63
C VAL A 302 10.09 -6.08 -3.71
N ALA A 303 10.63 -4.90 -4.05
CA ALA A 303 12.03 -4.69 -4.20
C ALA A 303 12.70 -5.02 -2.86
N GLN A 304 12.15 -4.47 -1.77
CA GLN A 304 12.69 -4.80 -0.50
C GLN A 304 12.60 -6.32 -0.14
N GLY A 305 11.52 -6.97 -0.49
CA GLY A 305 11.31 -8.37 -0.14
C GLY A 305 12.29 -9.29 -0.86
N PHE A 306 12.72 -8.90 -2.07
CA PHE A 306 13.67 -9.73 -2.82
C PHE A 306 15.10 -9.41 -2.46
N GLY A 307 15.35 -8.19 -1.95
CA GLY A 307 16.67 -7.92 -1.42
C GLY A 307 16.89 -6.47 -1.16
N SER A 308 16.77 -5.66 -2.18
CA SER A 308 17.19 -4.32 -2.05
C SER A 308 16.50 -3.43 -3.04
N LEU A 309 16.21 -2.24 -2.58
CA LEU A 309 15.72 -1.15 -3.43
C LEU A 309 16.71 -0.83 -4.51
N GLY A 310 17.98 -1.19 -4.35
CA GLY A 310 19.01 -1.02 -5.43
C GLY A 310 19.05 -2.19 -6.42
N LEU A 311 18.23 -3.20 -6.18
CA LEU A 311 18.22 -4.35 -7.10
C LEU A 311 16.83 -4.41 -7.76
N MSE A 312 16.52 -3.36 -8.50
CA MSE A 312 15.17 -3.12 -9.06
C MSE A 312 15.44 -2.40 -10.35
O MSE A 312 16.39 -1.57 -10.51
CB MSE A 312 14.19 -2.49 -8.08
CG MSE A 312 12.67 -2.63 -8.27
SE MSE A 312 12.12 -4.50 -7.85
CE MSE A 312 10.19 -4.40 -8.13
N THR A 313 14.71 -2.86 -11.34
CA THR A 313 14.66 -2.29 -12.65
C THR A 313 13.41 -1.36 -12.68
N SER A 314 13.49 -0.26 -13.42
CA SER A 314 12.32 0.61 -13.52
C SER A 314 12.29 1.31 -14.89
N VAL A 315 11.44 0.78 -15.77
CA VAL A 315 11.47 1.12 -17.16
C VAL A 315 10.08 1.53 -17.59
N LEU A 316 9.94 2.80 -17.91
CA LEU A 316 8.65 3.28 -18.39
C LEU A 316 8.54 3.02 -19.94
N MSE A 317 7.42 2.46 -20.41
CA MSE A 317 7.20 2.25 -21.84
C MSE A 317 5.99 3.09 -22.22
O MSE A 317 4.99 3.06 -21.52
CB MSE A 317 6.98 0.77 -22.08
CG MSE A 317 6.51 0.66 -23.54
SE MSE A 317 6.86 -1.15 -24.33
CE MSE A 317 8.82 -1.27 -24.58
N THR A 318 6.09 3.91 -23.26
CA THR A 318 4.91 4.73 -23.61
C THR A 318 3.74 3.88 -24.24
N PRO A 319 2.49 4.40 -24.21
CA PRO A 319 1.33 3.71 -24.78
C PRO A 319 1.52 3.10 -26.19
N ASP A 320 2.08 3.86 -27.16
CA ASP A 320 2.35 3.27 -28.53
C ASP A 320 3.44 2.20 -28.53
N GLY A 321 4.13 1.98 -27.40
CA GLY A 321 5.18 0.95 -27.33
C GLY A 321 6.51 1.31 -28.02
N LYS A 322 6.68 2.56 -28.40
CA LYS A 322 7.86 2.94 -29.14
C LYS A 322 8.92 3.65 -28.32
N THR A 323 8.55 4.10 -27.13
CA THR A 323 9.44 4.90 -26.32
C THR A 323 9.60 4.35 -24.91
N VAL A 324 10.83 4.51 -24.42
CA VAL A 324 11.18 3.98 -23.15
C VAL A 324 11.98 5.04 -22.37
N GLU A 325 11.66 5.19 -21.08
CA GLU A 325 12.51 5.91 -20.15
C GLU A 325 12.95 4.93 -19.01
N ALA A 326 14.24 4.65 -18.95
CA ALA A 326 14.72 3.75 -17.92
C ALA A 326 15.39 4.62 -16.88
N GLU A 327 15.08 4.36 -15.62
CA GLU A 327 15.64 5.20 -14.59
C GLU A 327 16.24 4.34 -13.42
N ALA A 328 17.11 5.02 -12.68
CA ALA A 328 17.56 4.49 -11.39
C ALA A 328 16.53 5.00 -10.41
N ALA A 329 15.62 4.15 -9.92
CA ALA A 329 14.51 4.65 -9.15
C ALA A 329 14.79 4.43 -7.66
N HIS A 330 15.70 5.16 -7.07
CA HIS A 330 15.88 5.09 -5.66
C HIS A 330 16.31 6.50 -5.37
N GLY A 331 16.60 6.82 -4.13
CA GLY A 331 17.08 8.13 -3.72
C GLY A 331 18.48 8.45 -4.21
N THR A 332 19.01 9.55 -3.70
CA THR A 332 20.22 10.09 -4.30
C THR A 332 21.40 9.83 -3.33
N VAL A 333 21.10 9.09 -2.26
CA VAL A 333 22.10 8.58 -1.30
C VAL A 333 22.89 9.76 -0.67
N THR A 334 22.15 10.71 -0.15
CA THR A 334 22.72 11.92 0.44
C THR A 334 23.82 11.66 1.46
N ARG A 335 23.49 10.79 2.38
CA ARG A 335 24.33 10.22 3.44
C ARG A 335 25.72 9.86 2.87
N HIS A 336 25.78 8.99 1.87
CA HIS A 336 27.07 8.80 1.21
C HIS A 336 27.62 9.99 0.49
N TYR A 337 26.74 10.77 -0.15
CA TYR A 337 27.27 12.00 -0.79
C TYR A 337 28.09 12.86 0.19
N ARG A 338 27.58 13.05 1.40
CA ARG A 338 28.30 13.79 2.50
C ARG A 338 29.72 13.22 2.76
N GLN A 339 29.81 11.90 2.96
CA GLN A 339 31.09 11.24 3.19
C GLN A 339 32.03 11.51 2.04
N HIS A 340 31.51 11.41 0.81
CA HIS A 340 32.32 11.67 -0.38
C HIS A 340 32.69 13.10 -0.47
N GLN A 341 31.85 13.98 0.08
CA GLN A 341 32.23 15.41 0.02
C GLN A 341 33.44 15.67 0.91
N LYS A 342 33.47 15.10 2.13
CA LYS A 342 34.68 15.24 2.95
C LYS A 342 35.74 14.16 2.75
N GLY A 343 35.91 13.74 1.50
CA GLY A 343 36.86 12.67 1.09
C GLY A 343 36.87 11.36 1.91
N GLU A 344 35.80 11.03 2.62
CA GLU A 344 35.70 9.72 3.28
C GLU A 344 35.41 8.63 2.24
N GLU A 345 35.51 7.36 2.66
CA GLU A 345 35.21 6.25 1.76
C GLU A 345 33.73 5.99 1.66
N THR A 346 33.27 5.57 0.48
CA THR A 346 31.85 5.23 0.32
C THR A 346 31.74 3.84 -0.27
N SER A 347 30.61 3.21 -0.06
CA SER A 347 30.30 1.98 -0.78
C SER A 347 28.88 2.11 -1.30
N THR A 348 28.70 2.64 -2.49
CA THR A 348 27.33 2.94 -2.98
C THR A 348 26.96 1.97 -4.07
N ASN A 349 25.84 1.27 -3.93
CA ASN A 349 25.45 0.29 -5.00
C ASN A 349 25.14 1.03 -6.30
N SER A 350 25.85 0.69 -7.37
CA SER A 350 25.62 1.33 -8.67
C SER A 350 24.80 0.44 -9.64
N ILE A 351 24.40 -0.74 -9.20
CA ILE A 351 23.72 -1.65 -10.10
C ILE A 351 22.43 -1.06 -10.73
N ALA A 352 21.54 -0.44 -9.96
CA ALA A 352 20.29 0.07 -10.56
C ALA A 352 20.68 1.16 -11.61
N SER A 353 21.72 1.93 -11.31
CA SER A 353 22.17 2.90 -12.31
C SER A 353 22.72 2.24 -13.56
N ILE A 354 23.49 1.15 -13.42
CA ILE A 354 23.96 0.45 -14.61
C ILE A 354 22.74 -0.03 -15.47
N PHE A 355 21.74 -0.62 -14.81
CA PHE A 355 20.58 -1.21 -15.48
C PHE A 355 19.71 -0.13 -16.14
N ALA A 356 19.77 1.12 -15.65
CA ALA A 356 19.02 2.18 -16.37
C ALA A 356 19.63 2.34 -17.76
N TRP A 357 20.95 2.35 -17.77
CA TRP A 357 21.73 2.44 -19.01
C TRP A 357 21.51 1.23 -19.84
N THR A 358 21.54 0.03 -19.27
CA THR A 358 21.46 -1.17 -20.14
C THR A 358 20.06 -1.31 -20.71
N ARG A 359 19.02 -1.08 -19.90
CA ARG A 359 17.61 -1.13 -20.40
C ARG A 359 17.37 -0.09 -21.45
N GLY A 360 17.91 1.11 -21.29
CA GLY A 360 17.72 2.07 -22.35
C GLY A 360 18.43 1.57 -23.62
N LEU A 361 19.65 1.06 -23.47
CA LEU A 361 20.45 0.77 -24.62
C LEU A 361 19.81 -0.40 -25.35
N ALA A 362 19.21 -1.32 -24.61
CA ALA A 362 18.44 -2.45 -25.22
C ALA A 362 17.27 -1.93 -26.07
N HIS A 363 16.54 -0.93 -25.59
CA HIS A 363 15.47 -0.41 -26.42
C HIS A 363 16.02 0.29 -27.64
N ARG A 364 17.09 1.08 -27.47
CA ARG A 364 17.79 1.71 -28.60
C ARG A 364 18.17 0.68 -29.66
N ALA A 365 18.71 -0.46 -29.23
CA ALA A 365 19.11 -1.54 -30.14
C ALA A 365 17.90 -2.14 -30.86
N LYS A 366 16.80 -2.33 -30.13
CA LYS A 366 15.53 -2.77 -30.75
C LYS A 366 14.97 -1.78 -31.80
N LEU A 367 14.94 -0.48 -31.52
CA LEU A 367 14.54 0.51 -32.50
C LEU A 367 15.44 0.47 -33.73
N ASP A 368 16.75 0.35 -33.53
CA ASP A 368 17.72 0.44 -34.59
C ASP A 368 18.02 -0.91 -35.25
N GLY A 369 17.53 -2.02 -34.74
CA GLY A 369 17.95 -3.36 -35.23
C GLY A 369 19.46 -3.58 -35.09
N ASN A 370 20.04 -3.05 -33.99
CA ASN A 370 21.47 -3.18 -33.72
C ASN A 370 21.75 -4.36 -32.73
N ALA A 371 22.07 -5.51 -33.29
CA ALA A 371 22.26 -6.76 -32.56
C ALA A 371 23.49 -6.67 -31.60
N GLU A 372 24.52 -6.00 -32.06
CA GLU A 372 25.73 -5.77 -31.27
C GLU A 372 25.49 -4.95 -29.99
N LEU A 373 24.56 -3.99 -30.08
CA LEU A 373 24.20 -3.17 -28.95
C LEU A 373 23.34 -4.00 -28.04
N ALA A 374 22.43 -4.80 -28.60
CA ALA A 374 21.61 -5.63 -27.74
C ALA A 374 22.48 -6.63 -26.99
N LYS A 375 23.49 -7.16 -27.66
CA LYS A 375 24.39 -8.09 -26.99
C LYS A 375 25.18 -7.41 -25.88
N PHE A 376 25.72 -6.22 -26.17
CA PHE A 376 26.36 -5.44 -25.18
C PHE A 376 25.51 -5.16 -23.89
N SER A 377 24.21 -4.83 -24.02
CA SER A 377 23.33 -4.60 -22.86
C SER A 377 23.16 -5.83 -22.06
N GLU A 378 22.81 -6.91 -22.75
CA GLU A 378 22.66 -8.22 -22.14
C GLU A 378 23.92 -8.64 -21.32
N THR A 379 25.09 -8.38 -21.89
CA THR A 379 26.36 -8.82 -21.33
C THR A 379 26.67 -8.01 -20.05
N LEU A 380 26.49 -6.71 -20.12
CA LEU A 380 26.71 -5.89 -18.94
C LEU A 380 25.75 -6.27 -17.78
N GLU A 381 24.50 -6.56 -18.08
CA GLU A 381 23.55 -6.92 -17.01
C GLU A 381 24.02 -8.20 -16.32
N ARG A 382 24.36 -9.18 -17.15
CA ARG A 382 24.81 -10.49 -16.67
C ARG A 382 26.13 -10.34 -15.90
N VAL A 383 26.99 -9.43 -16.32
CA VAL A 383 28.20 -9.13 -15.58
C VAL A 383 27.86 -8.59 -14.14
N CYS A 384 26.84 -7.73 -14.02
CA CYS A 384 26.48 -7.22 -12.69
C CYS A 384 26.08 -8.37 -11.83
N VAL A 385 25.21 -9.21 -12.36
CA VAL A 385 24.71 -10.32 -11.59
C VAL A 385 25.85 -11.32 -11.27
N ASP A 386 26.70 -11.64 -12.24
CA ASP A 386 27.75 -12.65 -11.99
C ASP A 386 28.76 -12.10 -11.00
N THR A 387 29.04 -10.78 -11.06
CA THR A 387 29.98 -10.14 -10.18
C THR A 387 29.52 -10.30 -8.73
N VAL A 388 28.26 -9.99 -8.45
CA VAL A 388 27.71 -10.00 -7.05
C VAL A 388 27.74 -11.44 -6.58
N GLU A 389 27.31 -12.34 -7.47
CA GLU A 389 27.22 -13.76 -7.19
C GLU A 389 28.62 -14.42 -6.93
N SER A 390 29.67 -13.89 -7.56
CA SER A 390 31.12 -14.11 -7.28
C SER A 390 31.52 -13.83 -5.80
N GLY A 391 30.80 -12.92 -5.14
CA GLY A 391 31.20 -12.42 -3.81
C GLY A 391 31.79 -11.02 -3.84
N PHE A 392 31.56 -10.26 -4.93
CA PHE A 392 32.08 -8.86 -5.06
C PHE A 392 30.89 -7.91 -5.13
N MSE A 393 30.67 -7.11 -4.08
CA MSE A 393 29.42 -6.35 -3.93
C MSE A 393 29.65 -5.25 -2.94
O MSE A 393 30.61 -5.27 -2.15
CB MSE A 393 28.33 -7.30 -3.43
CG MSE A 393 28.51 -7.58 -1.94
SE MSE A 393 27.42 -9.12 -1.43
CE MSE A 393 28.57 -10.55 -2.23
N THR A 394 28.78 -4.25 -2.98
CA THR A 394 28.83 -3.15 -2.07
C THR A 394 28.16 -3.42 -0.72
N LYS A 395 28.45 -2.52 0.23
CA LYS A 395 28.14 -2.71 1.67
C LYS A 395 26.67 -3.04 1.88
N ASP A 396 25.78 -2.32 1.21
CA ASP A 396 24.38 -2.60 1.38
C ASP A 396 24.00 -4.07 1.09
N LEU A 397 24.64 -4.72 0.12
CA LEU A 397 24.29 -6.09 -0.19
C LEU A 397 25.06 -7.05 0.75
N ALA A 398 26.36 -6.75 0.98
CA ALA A 398 27.16 -7.57 1.88
C ALA A 398 26.43 -7.77 3.22
N LEU A 399 25.87 -6.69 3.74
CA LEU A 399 25.11 -6.72 5.00
C LEU A 399 23.84 -7.57 5.00
N LEU A 400 23.19 -7.72 3.84
CA LEU A 400 22.15 -8.73 3.71
C LEU A 400 22.62 -10.20 3.83
N ILE A 401 23.84 -10.46 3.45
CA ILE A 401 24.37 -11.81 3.57
C ILE A 401 24.83 -12.11 4.99
N GLY A 402 25.62 -11.27 5.61
CA GLY A 402 25.86 -11.48 7.04
C GLY A 402 26.65 -10.35 7.62
N PRO A 403 26.63 -10.18 8.97
CA PRO A 403 27.25 -8.99 9.59
C PRO A 403 28.70 -8.88 9.11
N ASP A 404 29.32 -10.02 8.80
CA ASP A 404 30.72 -10.01 8.43
C ASP A 404 31.10 -10.31 6.99
N GLN A 405 30.17 -10.41 6.02
CA GLN A 405 30.60 -10.60 4.57
C GLN A 405 31.28 -9.29 4.12
N PRO A 406 32.39 -9.39 3.39
CA PRO A 406 33.05 -8.16 2.99
C PRO A 406 32.45 -7.46 1.77
N TRP A 407 32.76 -6.17 1.69
CA TRP A 407 32.24 -5.32 0.62
C TRP A 407 33.33 -4.60 -0.06
N LEU A 408 33.08 -4.23 -1.32
CA LEU A 408 33.90 -3.28 -2.04
C LEU A 408 33.39 -1.87 -1.93
N SER A 409 34.30 -0.92 -2.13
CA SER A 409 33.91 0.46 -2.15
C SER A 409 33.18 0.75 -3.48
N THR A 410 32.59 1.93 -3.53
CA THR A 410 31.95 2.47 -4.75
C THR A 410 32.76 2.25 -6.00
N THR A 411 33.97 2.79 -6.03
CA THR A 411 34.78 2.58 -7.23
C THR A 411 35.38 1.16 -7.24
N GLY A 412 35.59 0.56 -6.07
CA GLY A 412 36.14 -0.81 -6.02
C GLY A 412 35.16 -1.67 -6.82
N PHE A 413 33.87 -1.48 -6.52
CA PHE A 413 32.82 -2.28 -7.20
C PHE A 413 32.77 -1.94 -8.70
N LEU A 414 32.80 -0.67 -9.05
CA LEU A 414 32.72 -0.33 -10.49
C LEU A 414 33.95 -0.84 -11.21
N ASP A 415 35.11 -0.76 -10.57
CA ASP A 415 36.34 -1.30 -11.27
C ASP A 415 36.20 -2.81 -11.50
N LYS A 416 35.60 -3.50 -10.52
CA LYS A 416 35.39 -4.93 -10.70
C LYS A 416 34.41 -5.22 -11.83
N ILE A 417 33.31 -4.45 -11.93
CA ILE A 417 32.35 -4.67 -13.02
C ILE A 417 33.06 -4.46 -14.38
N ASP A 418 33.81 -3.39 -14.49
CA ASP A 418 34.62 -3.10 -15.69
C ASP A 418 35.50 -4.24 -16.14
N GLU A 419 36.39 -4.69 -15.23
CA GLU A 419 37.21 -5.89 -15.47
C GLU A 419 36.36 -7.04 -15.92
N ASN A 420 35.23 -7.27 -15.23
CA ASN A 420 34.49 -8.46 -15.62
C ASN A 420 33.86 -8.24 -17.01
N LEU A 421 33.65 -6.99 -17.38
CA LEU A 421 33.03 -6.68 -18.69
C LEU A 421 34.08 -6.85 -19.82
N ARG A 422 35.28 -6.25 -19.67
CA ARG A 422 36.42 -6.58 -20.61
C ARG A 422 36.54 -8.07 -20.92
N LYS A 423 36.83 -8.87 -19.91
CA LYS A 423 36.78 -10.31 -20.07
C LYS A 423 35.51 -10.82 -20.80
N ALA A 424 34.36 -10.27 -20.44
CA ALA A 424 33.10 -10.78 -20.98
C ALA A 424 32.99 -10.64 -22.51
N MSE A 425 33.57 -9.57 -23.05
CA MSE A 425 33.56 -9.27 -24.48
C MSE A 425 34.46 -10.16 -25.35
O MSE A 425 35.56 -10.60 -24.96
CB MSE A 425 33.93 -7.77 -24.63
CG MSE A 425 32.99 -6.71 -23.98
SE MSE A 425 31.06 -6.60 -24.47
CE MSE A 425 30.27 -8.40 -24.50
N LYS B 26 -21.38 -16.20 36.08
CA LYS B 26 -21.04 -15.62 37.42
C LYS B 26 -20.47 -14.18 37.46
N ILE B 27 -19.73 -13.67 36.46
CA ILE B 27 -19.23 -12.22 36.52
C ILE B 27 -20.32 -11.20 36.11
N LYS B 28 -20.65 -10.26 36.99
CA LYS B 28 -21.78 -9.34 36.80
C LYS B 28 -21.33 -8.12 36.00
N VAL B 29 -21.91 -7.88 34.83
CA VAL B 29 -21.48 -6.73 34.06
C VAL B 29 -22.53 -5.65 34.19
N ALA B 30 -22.16 -4.48 34.66
CA ALA B 30 -23.15 -3.48 35.07
C ALA B 30 -23.78 -2.78 33.87
N ASN B 31 -23.00 -2.52 32.83
CA ASN B 31 -23.54 -1.80 31.69
C ASN B 31 -23.59 -2.65 30.41
N PRO B 32 -24.51 -2.34 29.49
CA PRO B 32 -24.66 -3.19 28.31
C PRO B 32 -23.43 -3.16 27.33
N VAL B 33 -23.34 -4.17 26.50
CA VAL B 33 -22.42 -4.15 25.36
C VAL B 33 -23.26 -4.25 24.09
N VAL B 34 -22.95 -3.47 23.04
CA VAL B 34 -23.76 -3.51 21.83
C VAL B 34 -23.17 -4.58 20.94
N GLU B 35 -23.99 -5.50 20.44
CA GLU B 35 -23.54 -6.64 19.67
C GLU B 35 -24.10 -6.52 18.27
N LEU B 36 -23.24 -6.58 17.27
CA LEU B 36 -23.61 -6.51 15.85
C LEU B 36 -23.38 -7.87 15.26
N ASP B 37 -24.48 -8.53 14.94
CA ASP B 37 -24.47 -9.89 14.42
C ASP B 37 -24.08 -9.86 12.92
N GLY B 38 -23.48 -10.94 12.42
CA GLY B 38 -22.97 -10.97 11.06
C GLY B 38 -23.59 -12.06 10.18
N ASP B 39 -22.76 -12.58 9.26
CA ASP B 39 -23.18 -13.44 8.18
C ASP B 39 -22.46 -14.81 8.18
N GLU B 40 -23.12 -15.74 7.46
CA GLU B 40 -22.57 -17.07 7.12
C GLU B 40 -21.79 -17.73 8.23
N MSE B 41 -20.60 -18.23 7.93
CA MSE B 41 -19.92 -19.11 8.91
C MSE B 41 -19.52 -18.31 10.11
O MSE B 41 -19.63 -18.77 11.23
CB MSE B 41 -18.74 -19.82 8.27
CG MSE B 41 -18.19 -20.94 9.16
SE MSE B 41 -19.51 -22.41 9.34
CE MSE B 41 -19.21 -23.05 11.17
N THR B 42 -19.04 -17.08 9.92
CA THR B 42 -18.75 -16.30 11.12
C THR B 42 -20.03 -16.09 12.00
N ARG B 43 -21.23 -16.03 11.42
CA ARG B 43 -22.48 -15.87 12.26
C ARG B 43 -22.71 -17.09 13.20
N ILE B 44 -22.51 -18.28 12.64
CA ILE B 44 -22.59 -19.56 13.38
C ILE B 44 -21.54 -19.57 14.54
N ILE B 45 -20.29 -19.28 14.21
CA ILE B 45 -19.14 -19.20 15.17
C ILE B 45 -19.46 -18.21 16.31
N TRP B 46 -19.98 -17.07 15.88
CA TRP B 46 -20.38 -16.04 16.82
C TRP B 46 -21.37 -16.58 17.85
N GLN B 47 -22.38 -17.32 17.38
CA GLN B 47 -23.37 -17.90 18.30
C GLN B 47 -22.70 -18.95 19.18
N PHE B 48 -21.86 -19.84 18.60
CA PHE B 48 -21.08 -20.78 19.45
C PHE B 48 -20.35 -20.05 20.55
N ILE B 49 -19.74 -18.89 20.19
CA ILE B 49 -18.98 -18.13 21.19
C ILE B 49 -19.89 -17.62 22.30
N LYS B 50 -20.99 -16.97 21.96
CA LYS B 50 -21.90 -16.55 23.04
C LYS B 50 -22.35 -17.73 23.94
N ASP B 51 -22.80 -18.81 23.31
CA ASP B 51 -23.39 -20.00 24.00
C ASP B 51 -22.39 -20.64 24.99
N LYS B 52 -21.13 -20.78 24.57
CA LYS B 52 -20.11 -21.48 25.37
C LYS B 52 -19.20 -20.56 26.16
N LEU B 53 -18.76 -19.43 25.60
CA LEU B 53 -17.70 -18.70 26.27
C LEU B 53 -18.16 -17.43 26.94
N ILE B 54 -19.35 -16.92 26.59
CA ILE B 54 -19.80 -15.66 27.15
C ILE B 54 -20.86 -15.80 28.22
N HIS B 55 -22.02 -16.37 27.84
CA HIS B 55 -23.15 -16.49 28.79
C HIS B 55 -22.85 -17.37 29.98
N PRO B 56 -22.13 -18.50 29.75
CA PRO B 56 -21.92 -19.28 30.99
C PRO B 56 -21.00 -18.61 31.97
N TYR B 57 -20.29 -17.55 31.59
CA TYR B 57 -19.34 -16.99 32.53
C TYR B 57 -19.76 -15.58 32.98
N LEU B 58 -20.59 -14.91 32.18
CA LEU B 58 -20.86 -13.50 32.50
C LEU B 58 -22.37 -13.24 32.64
N ASP B 59 -22.75 -12.40 33.61
CA ASP B 59 -24.13 -11.86 33.63
C ASP B 59 -24.07 -10.53 32.83
N LEU B 60 -24.56 -10.58 31.60
CA LEU B 60 -24.23 -9.54 30.64
C LEU B 60 -25.45 -9.18 29.83
N ASP B 61 -25.82 -7.92 29.82
CA ASP B 61 -26.81 -7.37 28.86
C ASP B 61 -26.22 -7.02 27.47
N LEU B 62 -26.81 -7.57 26.40
CA LEU B 62 -26.36 -7.33 25.05
C LEU B 62 -27.47 -6.52 24.40
N GLU B 63 -27.14 -5.33 23.86
CA GLU B 63 -28.11 -4.63 22.98
C GLU B 63 -27.82 -5.10 21.56
N TYR B 64 -28.80 -5.78 20.97
CA TYR B 64 -28.57 -6.63 19.82
C TYR B 64 -28.99 -5.98 18.52
N TYR B 65 -28.07 -5.84 17.57
CA TYR B 65 -28.37 -5.42 16.19
C TYR B 65 -27.97 -6.54 15.24
N ASP B 66 -28.89 -6.89 14.36
CA ASP B 66 -28.60 -7.90 13.39
C ASP B 66 -28.05 -7.25 12.14
N LEU B 67 -26.73 -7.29 11.93
CA LEU B 67 -26.17 -6.79 10.65
C LEU B 67 -25.93 -7.84 9.55
N GLY B 68 -26.47 -9.03 9.74
CA GLY B 68 -26.68 -9.99 8.64
C GLY B 68 -27.28 -9.22 7.46
N VAL B 69 -26.96 -9.70 6.28
CA VAL B 69 -27.28 -9.00 5.05
C VAL B 69 -28.80 -9.03 4.77
N GLU B 70 -29.50 -10.01 5.32
CA GLU B 70 -30.92 -10.12 5.16
C GLU B 70 -31.63 -9.11 6.02
N ASN B 71 -31.23 -9.00 7.29
CA ASN B 71 -31.74 -7.87 8.09
C ASN B 71 -31.34 -6.50 7.53
N ARG B 72 -30.10 -6.33 7.08
CA ARG B 72 -29.78 -4.98 6.52
C ARG B 72 -30.71 -4.68 5.29
N ASP B 73 -30.96 -5.69 4.46
CA ASP B 73 -31.87 -5.55 3.33
C ASP B 73 -33.27 -5.21 3.80
N ALA B 74 -33.79 -6.00 4.73
CA ALA B 74 -35.13 -5.79 5.21
C ALA B 74 -35.32 -4.37 5.83
N THR B 75 -34.28 -3.82 6.46
CA THR B 75 -34.41 -2.55 7.14
C THR B 75 -33.89 -1.42 6.28
N ASP B 76 -33.48 -1.71 5.04
CA ASP B 76 -32.87 -0.73 4.11
C ASP B 76 -31.65 -0.09 4.81
N ASP B 77 -30.97 -0.90 5.61
CA ASP B 77 -29.72 -0.50 6.23
C ASP B 77 -29.88 0.52 7.36
N GLN B 78 -31.11 0.73 7.82
CA GLN B 78 -31.28 1.48 9.04
C GLN B 78 -30.61 0.75 10.23
N VAL B 79 -30.64 -0.59 10.28
CA VAL B 79 -30.05 -1.25 11.44
C VAL B 79 -28.61 -0.79 11.64
N THR B 80 -27.89 -0.56 10.53
CA THR B 80 -26.47 -0.18 10.63
C THR B 80 -26.31 1.18 11.29
N ILE B 81 -27.18 2.14 10.95
CA ILE B 81 -27.14 3.41 11.59
C ILE B 81 -27.49 3.24 13.10
N ASP B 82 -28.61 2.56 13.38
CA ASP B 82 -29.02 2.34 14.77
C ASP B 82 -27.82 1.70 15.53
N ALA B 83 -27.22 0.68 14.94
CA ALA B 83 -26.12 0.00 15.64
C ALA B 83 -24.98 0.97 15.97
N ALA B 84 -24.56 1.77 14.99
CA ALA B 84 -23.48 2.75 15.24
C ALA B 84 -23.85 3.77 16.33
N ASN B 85 -25.07 4.20 16.31
CA ASN B 85 -25.52 5.15 17.29
C ASN B 85 -25.57 4.51 18.68
N ALA B 86 -26.07 3.28 18.74
CA ALA B 86 -26.08 2.58 20.02
C ALA B 86 -24.62 2.42 20.57
N ILE B 87 -23.63 2.30 19.66
CA ILE B 87 -22.25 2.11 20.14
C ILE B 87 -21.75 3.38 20.81
N LYS B 88 -22.09 4.50 20.16
CA LYS B 88 -21.74 5.81 20.64
C LYS B 88 -22.42 6.04 21.97
N LYS B 89 -23.66 5.55 22.13
CA LYS B 89 -24.38 5.67 23.39
C LYS B 89 -23.78 4.79 24.49
N HIS B 90 -23.56 3.50 24.25
CA HIS B 90 -23.06 2.67 25.32
C HIS B 90 -21.57 2.62 25.53
N GLY B 91 -20.78 3.07 24.55
CA GLY B 91 -19.32 3.04 24.71
C GLY B 91 -18.61 1.79 24.19
N VAL B 92 -19.31 0.67 24.06
CA VAL B 92 -18.74 -0.58 23.61
C VAL B 92 -19.59 -1.29 22.57
N GLY B 93 -18.96 -1.69 21.49
CA GLY B 93 -19.57 -2.58 20.50
C GLY B 93 -18.67 -3.73 20.10
N VAL B 94 -19.29 -4.89 19.90
CA VAL B 94 -18.54 -6.02 19.35
C VAL B 94 -19.21 -6.46 18.09
N LYS B 95 -18.43 -6.71 17.04
CA LYS B 95 -19.05 -6.97 15.73
C LYS B 95 -18.54 -8.20 15.06
N CYS B 96 -19.51 -8.96 14.54
CA CYS B 96 -19.28 -10.21 13.83
C CYS B 96 -18.95 -9.85 12.40
N ALA B 97 -18.12 -10.64 11.70
CA ALA B 97 -17.84 -10.36 10.32
C ALA B 97 -19.12 -10.38 9.46
N THR B 98 -19.14 -9.58 8.40
CA THR B 98 -20.30 -9.42 7.56
C THR B 98 -19.78 -9.54 6.15
N ILE B 99 -20.64 -9.91 5.21
CA ILE B 99 -20.19 -10.07 3.84
C ILE B 99 -20.29 -8.68 3.21
N THR B 100 -19.37 -8.35 2.29
CA THR B 100 -19.65 -7.12 1.50
C THR B 100 -20.25 -7.52 0.13
N PRO B 101 -21.56 -7.17 -0.13
CA PRO B 101 -22.22 -7.59 -1.42
C PRO B 101 -21.47 -7.23 -2.74
N ASP B 102 -21.40 -8.20 -3.65
CA ASP B 102 -21.30 -7.90 -5.10
C ASP B 102 -22.57 -8.33 -5.85
N GLU B 103 -22.51 -8.24 -7.17
CA GLU B 103 -23.57 -8.70 -8.09
C GLU B 103 -24.10 -10.08 -7.73
N GLY B 104 -23.21 -11.06 -7.54
CA GLY B 104 -23.61 -12.47 -7.28
C GLY B 104 -24.24 -12.64 -5.90
N ARG B 105 -23.80 -11.80 -4.96
CA ARG B 105 -24.40 -11.77 -3.64
C ARG B 105 -25.82 -11.22 -3.74
N VAL B 106 -25.99 -10.18 -4.57
CA VAL B 106 -27.32 -9.62 -4.89
C VAL B 106 -28.32 -10.68 -5.40
N GLU B 107 -27.91 -11.48 -6.39
CA GLU B 107 -28.68 -12.66 -6.94
C GLU B 107 -29.04 -13.67 -5.88
N GLU B 108 -28.01 -14.18 -5.24
CA GLU B 108 -28.12 -15.27 -4.29
C GLU B 108 -29.09 -14.97 -3.13
N PHE B 109 -29.16 -13.72 -2.73
CA PHE B 109 -29.96 -13.34 -1.57
C PHE B 109 -31.22 -12.57 -1.99
N LYS B 110 -31.47 -12.43 -3.30
CA LYS B 110 -32.48 -11.50 -3.83
C LYS B 110 -32.60 -10.22 -3.01
N LEU B 111 -31.61 -9.36 -3.20
CA LEU B 111 -31.45 -8.14 -2.43
C LEU B 111 -31.86 -6.97 -3.32
N LYS B 112 -32.28 -5.89 -2.68
CA LYS B 112 -32.81 -4.72 -3.38
C LYS B 112 -31.71 -4.01 -4.17
N LYS B 113 -30.46 -4.25 -3.79
CA LYS B 113 -29.35 -3.60 -4.42
C LYS B 113 -28.03 -4.06 -3.78
N MSE B 114 -26.94 -3.48 -4.27
CA MSE B 114 -25.61 -3.89 -3.79
C MSE B 114 -25.27 -3.16 -2.54
O MSE B 114 -24.62 -2.14 -2.60
CB MSE B 114 -24.58 -3.60 -4.87
CG MSE B 114 -23.66 -4.80 -4.99
SE MSE B 114 -22.18 -4.32 -6.21
CE MSE B 114 -20.99 -3.34 -4.98
N TRP B 115 -25.73 -3.65 -1.39
CA TRP B 115 -25.38 -2.90 -0.12
C TRP B 115 -23.88 -2.71 0.04
N LYS B 116 -23.44 -1.48 0.34
CA LYS B 116 -22.07 -1.22 0.74
C LYS B 116 -21.82 -1.80 2.14
N SER B 117 -20.63 -2.35 2.36
CA SER B 117 -20.24 -2.82 3.68
C SER B 117 -20.83 -1.99 4.84
N PRO B 118 -21.31 -2.67 5.87
CA PRO B 118 -21.78 -1.86 6.99
C PRO B 118 -20.60 -1.06 7.64
N ASN B 119 -19.36 -1.55 7.45
CA ASN B 119 -18.17 -1.06 8.13
C ASN B 119 -17.90 0.35 7.76
N GLY B 120 -18.07 0.68 6.48
CA GLY B 120 -17.88 2.07 6.06
C GLY B 120 -18.81 3.03 6.80
N THR B 121 -20.07 2.61 6.98
CA THR B 121 -21.05 3.48 7.59
C THR B 121 -20.67 3.66 9.04
N ILE B 122 -20.33 2.55 9.70
CA ILE B 122 -20.04 2.60 11.14
C ILE B 122 -18.83 3.50 11.36
N ARG B 123 -17.81 3.33 10.53
CA ARG B 123 -16.58 4.11 10.66
C ARG B 123 -16.89 5.59 10.43
N ASN B 124 -17.72 5.87 9.44
CA ASN B 124 -18.04 7.25 9.14
C ASN B 124 -18.74 7.93 10.34
N ILE B 125 -19.58 7.20 11.03
CA ILE B 125 -20.23 7.80 12.17
C ILE B 125 -19.33 7.85 13.42
N LEU B 126 -18.56 6.78 13.66
CA LEU B 126 -17.80 6.75 14.91
C LEU B 126 -16.50 7.57 14.84
N GLY B 127 -15.90 7.73 13.64
CA GLY B 127 -14.54 8.32 13.49
C GLY B 127 -13.44 7.54 14.26
N GLY B 128 -12.31 8.19 14.47
CA GLY B 128 -11.29 7.67 15.33
C GLY B 128 -10.32 6.81 14.52
N VAL B 129 -9.79 5.79 15.18
CA VAL B 129 -8.66 5.06 14.67
C VAL B 129 -8.90 3.60 14.94
N ILE B 130 -8.62 2.77 13.94
CA ILE B 130 -8.78 1.33 14.01
C ILE B 130 -7.39 0.72 14.23
N PHE B 131 -7.20 0.14 15.39
CA PHE B 131 -5.90 -0.42 15.80
C PHE B 131 -5.91 -1.88 15.42
N ARG B 132 -5.01 -2.25 14.51
CA ARG B 132 -4.83 -3.59 14.02
C ARG B 132 -3.46 -4.16 14.42
N GLU B 133 -3.44 -5.39 14.89
CA GLU B 133 -2.24 -5.97 15.47
C GLU B 133 -2.37 -7.50 15.40
N PRO B 134 -1.27 -8.21 15.10
CA PRO B 134 -1.28 -9.68 15.04
C PRO B 134 -1.58 -10.35 16.38
N ILE B 135 -2.23 -11.50 16.31
CA ILE B 135 -2.41 -12.35 17.49
C ILE B 135 -1.29 -13.38 17.30
N ILE B 136 -0.18 -13.23 18.00
CA ILE B 136 1.04 -14.04 17.77
C ILE B 136 0.99 -15.39 18.48
N CYS B 137 1.03 -16.46 17.69
CA CYS B 137 1.14 -17.82 18.23
C CYS B 137 2.46 -18.32 17.67
N LYS B 138 3.41 -18.63 18.55
CA LYS B 138 4.80 -18.84 18.15
C LYS B 138 5.03 -20.05 17.24
N ASN B 139 4.15 -21.05 17.29
CA ASN B 139 4.25 -22.22 16.36
C ASN B 139 3.67 -21.91 14.95
N VAL B 140 3.00 -20.80 14.75
CA VAL B 140 2.51 -20.55 13.38
C VAL B 140 3.67 -19.93 12.56
N PRO B 141 4.12 -20.54 11.43
CA PRO B 141 5.22 -19.91 10.68
C PRO B 141 4.93 -18.52 10.10
N ARG B 142 5.93 -17.64 10.18
CA ARG B 142 5.80 -16.29 9.67
C ARG B 142 6.11 -16.34 8.18
N LEU B 143 5.46 -15.50 7.37
CA LEU B 143 5.93 -15.33 5.99
C LEU B 143 7.11 -14.36 5.88
N VAL B 144 7.29 -13.52 6.91
CA VAL B 144 8.37 -12.51 6.95
C VAL B 144 9.11 -12.92 8.22
N PRO B 145 10.20 -13.69 8.09
CA PRO B 145 10.81 -14.28 9.35
C PRO B 145 11.35 -13.19 10.26
N GLY B 146 11.80 -12.06 9.65
CA GLY B 146 12.33 -10.88 10.33
C GLY B 146 11.37 -10.19 11.30
N TRP B 147 10.05 -10.45 11.19
CA TRP B 147 9.11 -9.82 12.08
C TRP B 147 8.98 -10.54 13.42
N THR B 148 9.80 -10.17 14.40
CA THR B 148 9.87 -10.85 15.67
C THR B 148 9.27 -10.00 16.82
N LYS B 149 8.84 -8.76 16.52
CA LYS B 149 7.99 -7.96 17.43
C LYS B 149 6.71 -7.56 16.68
N PRO B 150 5.60 -7.37 17.40
CA PRO B 150 4.34 -6.96 16.79
C PRO B 150 4.48 -5.64 16.05
N ILE B 151 3.80 -5.54 14.93
CA ILE B 151 3.59 -4.22 14.28
C ILE B 151 2.18 -3.79 14.61
N ILE B 152 1.95 -2.57 15.05
CA ILE B 152 0.57 -2.15 15.29
C ILE B 152 0.25 -1.11 14.25
N VAL B 153 -0.79 -1.35 13.46
CA VAL B 153 -1.21 -0.38 12.44
C VAL B 153 -2.36 0.41 13.03
N GLY B 154 -2.22 1.76 13.07
CA GLY B 154 -3.31 2.64 13.55
C GLY B 154 -3.90 3.23 12.23
N ARG B 155 -5.02 2.65 11.77
CA ARG B 155 -5.68 3.05 10.56
C ARG B 155 -6.66 4.18 10.86
N HIS B 156 -6.40 5.35 10.27
CA HIS B 156 -7.37 6.48 10.37
C HIS B 156 -8.69 6.03 9.82
N ALA B 157 -9.76 6.20 10.59
CA ALA B 157 -11.00 5.49 10.27
C ALA B 157 -11.95 6.30 9.37
N PHE B 158 -11.64 7.60 9.16
CA PHE B 158 -12.53 8.58 8.54
C PHE B 158 -12.02 9.12 7.18
N GLY B 159 -12.94 9.28 6.24
CA GLY B 159 -12.73 10.03 4.99
C GLY B 159 -11.85 9.37 3.92
N ASP B 160 -11.16 10.24 3.18
CA ASP B 160 -10.38 9.91 2.00
C ASP B 160 -11.25 9.09 1.01
N GLN B 161 -10.67 8.06 0.40
CA GLN B 161 -11.36 7.26 -0.58
C GLN B 161 -12.71 6.69 -0.14
N TYR B 162 -12.90 6.50 1.15
CA TYR B 162 -14.02 5.75 1.68
C TYR B 162 -15.23 6.64 1.78
N ARG B 163 -15.09 7.95 1.52
CA ARG B 163 -16.24 8.83 1.41
C ARG B 163 -16.13 9.75 0.26
N ALA B 164 -15.52 9.28 -0.82
CA ALA B 164 -15.24 10.10 -1.99
C ALA B 164 -16.45 10.18 -2.94
N THR B 165 -16.42 11.12 -3.87
CA THR B 165 -17.45 11.21 -4.96
C THR B 165 -16.66 10.94 -6.25
N ASP B 166 -16.98 9.84 -6.93
CA ASP B 166 -16.27 9.49 -8.15
C ASP B 166 -17.30 9.31 -9.23
N PHE B 167 -16.95 9.71 -10.46
CA PHE B 167 -17.87 9.61 -11.56
C PHE B 167 -17.12 9.62 -12.91
N LYS B 168 -17.79 9.16 -13.96
CA LYS B 168 -17.27 9.25 -15.32
C LYS B 168 -17.57 10.59 -15.94
N PHE B 169 -16.61 11.15 -16.70
CA PHE B 169 -16.91 12.28 -17.60
C PHE B 169 -16.85 11.81 -19.05
N PRO B 170 -17.84 12.25 -19.88
CA PRO B 170 -18.09 11.58 -21.17
C PRO B 170 -17.20 12.02 -22.33
N GLY B 171 -16.41 13.08 -22.23
CA GLY B 171 -15.54 13.44 -23.38
C GLY B 171 -14.75 14.68 -22.99
N LYS B 172 -14.28 15.44 -23.98
CA LYS B 172 -13.53 16.67 -23.81
C LYS B 172 -14.27 17.66 -22.89
N GLY B 173 -13.53 18.44 -22.09
CA GLY B 173 -14.17 19.37 -21.16
C GLY B 173 -13.27 19.64 -19.99
N LYS B 174 -13.82 20.42 -19.04
CA LYS B 174 -13.07 21.01 -17.98
C LYS B 174 -13.55 20.53 -16.61
N LEU B 175 -12.63 20.00 -15.81
CA LEU B 175 -12.98 19.51 -14.48
C LEU B 175 -12.51 20.52 -13.47
N SER B 176 -13.33 20.81 -12.46
CA SER B 176 -12.90 21.75 -11.47
C SER B 176 -13.47 21.36 -10.12
N ILE B 177 -12.92 21.95 -9.06
CA ILE B 177 -13.36 21.61 -7.75
C ILE B 177 -13.56 22.91 -7.00
N LYS B 178 -14.54 22.93 -6.10
CA LYS B 178 -14.91 24.17 -5.45
C LYS B 178 -15.25 24.04 -3.99
N PHE B 179 -14.82 25.00 -3.20
CA PHE B 179 -15.32 25.06 -1.86
C PHE B 179 -16.01 26.41 -1.64
N VAL B 180 -17.20 26.41 -1.08
CA VAL B 180 -17.84 27.67 -0.78
C VAL B 180 -18.04 27.71 0.73
N GLY B 181 -17.34 28.63 1.40
CA GLY B 181 -17.59 28.90 2.81
C GLY B 181 -19.02 29.24 3.16
N GLU B 182 -19.39 29.03 4.43
CA GLU B 182 -20.74 29.41 4.85
C GLU B 182 -20.97 30.95 4.78
N ASP B 183 -19.90 31.75 4.89
CA ASP B 183 -19.96 33.20 4.67
C ASP B 183 -19.66 33.66 3.22
N GLY B 184 -19.81 32.80 2.22
CA GLY B 184 -19.49 33.16 0.83
C GLY B 184 -18.03 33.04 0.41
N GLN B 185 -17.09 32.86 1.33
CA GLN B 185 -15.68 32.75 0.95
C GLN B 185 -15.38 31.50 0.12
N THR B 186 -14.84 31.69 -1.07
CA THR B 186 -14.80 30.66 -2.09
C THR B 186 -13.40 30.36 -2.56
N ILE B 187 -13.12 29.06 -2.71
CA ILE B 187 -11.92 28.61 -3.43
C ILE B 187 -12.42 27.70 -4.58
N GLU B 188 -11.88 27.85 -5.79
CA GLU B 188 -12.26 27.02 -6.90
C GLU B 188 -11.04 26.83 -7.76
N HIS B 189 -10.74 25.62 -8.23
CA HIS B 189 -9.55 25.42 -9.07
C HIS B 189 -9.93 24.58 -10.24
N ASP B 190 -9.37 24.89 -11.41
CA ASP B 190 -9.37 23.96 -12.52
C ASP B 190 -8.48 22.80 -12.26
N VAL B 191 -9.02 21.62 -12.45
CA VAL B 191 -8.29 20.42 -12.18
C VAL B 191 -7.66 19.83 -13.41
N TYR B 192 -8.39 19.83 -14.53
CA TYR B 192 -7.96 19.13 -15.75
C TYR B 192 -8.72 19.66 -16.95
N ASP B 193 -7.97 19.97 -17.99
CA ASP B 193 -8.58 20.12 -19.31
C ASP B 193 -8.55 18.80 -20.01
N ALA B 194 -9.62 18.01 -19.90
CA ALA B 194 -9.59 16.61 -20.37
C ALA B 194 -9.56 16.58 -21.89
N PRO B 195 -8.64 15.80 -22.51
CA PRO B 195 -8.77 15.73 -23.98
C PRO B 195 -9.71 14.63 -24.43
N GLY B 196 -10.39 13.92 -23.51
CA GLY B 196 -11.23 12.78 -23.84
C GLY B 196 -11.94 12.24 -22.59
N ALA B 197 -12.68 11.13 -22.73
CA ALA B 197 -13.51 10.58 -21.65
C ALA B 197 -12.61 9.94 -20.56
N GLY B 198 -13.10 9.98 -19.34
CA GLY B 198 -12.32 9.41 -18.25
C GLY B 198 -13.08 9.37 -16.97
N VAL B 199 -12.33 9.42 -15.86
CA VAL B 199 -12.94 9.31 -14.56
C VAL B 199 -12.37 10.34 -13.60
N ALA B 200 -13.22 10.80 -12.68
CA ALA B 200 -12.79 11.80 -11.72
C ALA B 200 -13.26 11.44 -10.33
N LEU B 201 -12.55 11.96 -9.36
CA LEU B 201 -12.94 11.79 -7.98
C LEU B 201 -12.52 13.04 -7.12
N ALA B 202 -13.32 13.32 -6.08
CA ALA B 202 -13.06 14.29 -5.06
C ALA B 202 -13.13 13.55 -3.76
N MSE B 203 -12.18 13.83 -2.87
CA MSE B 203 -12.21 13.23 -1.54
C MSE B 203 -11.74 14.30 -0.56
O MSE B 203 -11.21 15.35 -0.99
CB MSE B 203 -11.36 11.96 -1.55
CG MSE B 203 -9.88 12.30 -1.63
SE MSE B 203 -8.82 10.62 -1.47
CE MSE B 203 -8.39 9.96 -3.25
N TYR B 204 -11.92 14.04 0.73
CA TYR B 204 -11.65 15.08 1.72
C TYR B 204 -11.22 14.48 3.07
N ASN B 205 -10.69 15.33 3.92
CA ASN B 205 -10.56 14.94 5.32
C ASN B 205 -10.75 16.16 6.17
N LEU B 206 -10.67 16.02 7.48
CA LEU B 206 -11.10 17.07 8.36
C LEU B 206 -9.99 17.33 9.40
N ASP B 207 -9.51 18.57 9.55
CA ASP B 207 -8.51 18.89 10.54
C ASP B 207 -8.87 18.29 11.92
N GLU B 208 -10.11 18.37 12.36
CA GLU B 208 -10.37 17.87 13.70
C GLU B 208 -10.23 16.36 13.74
N SER B 209 -10.67 15.65 12.69
CA SER B 209 -10.45 14.20 12.70
C SER B 209 -8.93 13.84 12.59
N ILE B 210 -8.17 14.59 11.77
CA ILE B 210 -6.70 14.36 11.69
C ILE B 210 -6.01 14.53 13.07
N THR B 211 -6.41 15.57 13.78
CA THR B 211 -5.96 15.90 15.11
C THR B 211 -6.23 14.72 16.05
N GLU B 212 -7.40 14.10 15.94
CA GLU B 212 -7.77 13.03 16.88
C GLU B 212 -7.07 11.71 16.53
N PHE B 213 -6.81 11.55 15.24
CA PHE B 213 -5.97 10.49 14.68
C PHE B 213 -4.55 10.63 15.28
N ALA B 214 -4.00 11.85 15.27
CA ALA B 214 -2.70 12.04 15.95
C ALA B 214 -2.73 11.68 17.42
N ARG B 215 -3.73 12.20 18.16
CA ARG B 215 -3.77 12.02 19.61
C ARG B 215 -3.87 10.55 19.97
N ALA B 216 -4.71 9.81 19.25
CA ALA B 216 -4.97 8.38 19.61
C ALA B 216 -3.69 7.55 19.25
N SER B 217 -3.04 7.87 18.12
CA SER B 217 -1.81 7.16 17.72
C SER B 217 -0.74 7.42 18.77
N PHE B 218 -0.55 8.68 19.21
CA PHE B 218 0.49 8.92 20.19
C PHE B 218 0.11 8.42 21.58
N ASN B 219 -1.17 8.52 21.96
CA ASN B 219 -1.61 7.84 23.16
C ASN B 219 -1.42 6.34 23.16
N TYR B 220 -1.67 5.70 22.02
CA TYR B 220 -1.48 4.27 21.99
C TYR B 220 0.02 3.84 22.06
N GLY B 221 0.87 4.55 21.30
CA GLY B 221 2.32 4.46 21.42
C GLY B 221 2.85 4.56 22.86
N LEU B 222 2.55 5.65 23.55
CA LEU B 222 2.97 5.88 24.93
C LEU B 222 2.54 4.71 25.81
N GLN B 223 1.30 4.28 25.66
CA GLN B 223 0.77 3.26 26.49
C GLN B 223 1.44 1.89 26.20
N ARG B 224 1.68 1.59 24.94
CA ARG B 224 2.37 0.32 24.59
C ARG B 224 3.89 0.47 24.72
N LYS B 225 4.31 1.66 25.09
CA LYS B 225 5.72 1.96 25.15
C LYS B 225 6.50 1.65 23.86
N VAL B 226 6.02 2.07 22.71
CA VAL B 226 6.76 1.86 21.45
C VAL B 226 6.74 3.19 20.65
N PRO B 227 7.70 3.36 19.73
CA PRO B 227 7.69 4.60 18.95
C PRO B 227 6.54 4.61 17.94
N VAL B 228 6.28 5.75 17.32
CA VAL B 228 5.15 5.97 16.42
C VAL B 228 5.71 6.55 15.11
N TYR B 229 5.23 6.01 13.98
CA TYR B 229 5.57 6.46 12.64
C TYR B 229 4.32 6.88 11.91
N LEU B 230 4.40 7.96 11.11
CA LEU B 230 3.25 8.31 10.27
C LEU B 230 3.74 8.22 8.83
N SER B 231 2.98 7.56 7.94
CA SER B 231 3.28 7.53 6.53
C SER B 231 2.35 8.47 5.77
N THR B 232 2.91 9.17 4.78
CA THR B 232 2.17 10.06 3.93
C THR B 232 2.90 10.13 2.54
N LYS B 233 2.22 10.70 1.56
CA LYS B 233 2.88 11.10 0.36
C LYS B 233 2.94 12.64 0.23
N ASN B 234 3.48 13.31 1.24
CA ASN B 234 3.34 14.77 1.31
C ASN B 234 4.26 15.49 0.32
N THR B 235 5.20 14.78 -0.30
CA THR B 235 6.05 15.39 -1.36
C THR B 235 5.24 15.60 -2.65
N ILE B 236 4.15 14.86 -2.80
CA ILE B 236 3.26 14.97 -3.97
C ILE B 236 1.96 15.69 -3.58
N LEU B 237 1.28 15.23 -2.53
CA LEU B 237 0.08 15.92 -2.07
C LEU B 237 0.45 16.90 -0.94
N LYS B 238 1.01 18.04 -1.34
CA LYS B 238 1.60 18.99 -0.40
C LYS B 238 0.57 19.58 0.50
N ALA B 239 -0.58 19.95 -0.01
CA ALA B 239 -1.56 20.50 0.92
C ALA B 239 -2.22 19.35 1.73
N TYR B 240 -2.64 18.29 1.05
CA TYR B 240 -3.56 17.33 1.68
C TYR B 240 -2.76 16.45 2.65
N ASP B 241 -1.72 15.81 2.15
CA ASP B 241 -0.85 15.03 3.02
C ASP B 241 0.00 15.91 3.92
N GLY B 242 0.34 17.14 3.48
CA GLY B 242 1.02 18.12 4.34
C GLY B 242 0.22 18.38 5.60
N ARG B 243 -1.10 18.39 5.47
CA ARG B 243 -1.92 18.66 6.65
C ARG B 243 -1.76 17.58 7.70
N PHE B 244 -1.72 16.32 7.27
CA PHE B 244 -1.52 15.19 8.22
C PHE B 244 -0.13 15.40 8.85
N LYS B 245 0.85 15.67 8.00
CA LYS B 245 2.23 15.74 8.51
C LYS B 245 2.34 16.90 9.59
N ASP B 246 1.83 18.09 9.20
CA ASP B 246 1.84 19.25 10.10
C ASP B 246 1.03 19.08 11.38
N ILE B 247 -0.19 18.56 11.24
CA ILE B 247 -0.93 18.29 12.48
C ILE B 247 -0.22 17.26 13.38
N PHE B 248 0.28 16.14 12.81
CA PHE B 248 1.00 15.17 13.67
C PHE B 248 2.18 15.78 14.46
N GLN B 249 3.07 16.52 13.76
CA GLN B 249 4.24 17.17 14.39
C GLN B 249 3.74 18.20 15.46
N LYS B 250 2.70 18.96 15.14
CA LYS B 250 2.23 19.91 16.13
C LYS B 250 1.65 19.24 17.40
N VAL B 251 0.70 18.32 17.22
CA VAL B 251 0.21 17.50 18.32
C VAL B 251 1.36 16.81 19.08
N PHE B 252 2.31 16.23 18.34
CA PHE B 252 3.43 15.53 19.00
C PHE B 252 4.23 16.56 19.83
N ASP B 253 4.69 17.62 19.18
CA ASP B 253 5.49 18.59 19.92
C ASP B 253 4.71 19.09 21.16
N GLU B 254 3.45 19.39 20.99
CA GLU B 254 2.79 20.08 22.03
C GLU B 254 2.33 19.21 23.13
N GLU B 255 1.96 17.95 22.83
CA GLU B 255 1.26 17.13 23.83
C GLU B 255 1.95 15.81 24.24
N PHE B 256 3.03 15.44 23.59
CA PHE B 256 3.56 14.09 23.78
C PHE B 256 5.04 14.02 23.87
N ALA B 257 5.73 15.03 23.28
CA ALA B 257 7.21 14.91 23.15
C ALA B 257 7.94 14.76 24.49
N ALA B 258 7.45 15.43 25.55
CA ALA B 258 8.03 15.29 26.93
C ALA B 258 7.93 13.81 27.41
N GLN B 259 6.70 13.28 27.39
CA GLN B 259 6.47 11.89 27.76
C GLN B 259 7.23 10.88 26.91
N PHE B 260 7.34 11.13 25.59
CA PHE B 260 8.13 10.24 24.73
C PHE B 260 9.62 10.28 25.12
N LYS B 261 10.19 11.48 25.26
CA LYS B 261 11.58 11.58 25.66
C LYS B 261 11.79 10.78 26.95
N ALA B 262 10.90 10.93 27.90
CA ALA B 262 11.09 10.26 29.21
C ALA B 262 11.02 8.73 29.09
N GLU B 263 10.31 8.22 28.08
CA GLU B 263 10.21 6.78 27.90
C GLU B 263 11.14 6.30 26.83
N LYS B 264 11.98 7.20 26.34
CA LYS B 264 12.97 6.87 25.31
C LYS B 264 12.29 6.33 24.01
N LEU B 265 11.14 6.94 23.66
CA LEU B 265 10.39 6.69 22.43
C LEU B 265 10.60 7.87 21.45
N TRP B 266 10.14 7.72 20.21
CA TRP B 266 10.24 8.83 19.28
C TRP B 266 9.02 8.82 18.34
N TYR B 267 8.83 9.93 17.64
CA TYR B 267 7.85 9.99 16.53
C TYR B 267 8.62 10.34 15.26
N GLU B 268 8.32 9.68 14.14
CA GLU B 268 8.92 10.09 12.87
C GLU B 268 7.90 10.00 11.78
N HIS B 269 7.93 10.95 10.88
CA HIS B 269 7.13 10.94 9.70
C HIS B 269 7.98 10.37 8.60
N ARG B 270 7.44 9.45 7.78
CA ARG B 270 8.17 8.93 6.61
C ARG B 270 7.30 8.92 5.38
N LEU B 271 7.88 9.08 4.20
CA LEU B 271 7.10 8.84 2.98
C LEU B 271 6.62 7.36 2.95
N ILE B 272 5.33 7.17 2.65
CA ILE B 272 4.78 5.85 2.48
C ILE B 272 5.68 4.81 1.76
N ASP B 273 6.29 5.14 0.63
CA ASP B 273 7.11 4.16 -0.04
C ASP B 273 8.42 3.87 0.75
N ASP B 274 8.95 4.83 1.49
CA ASP B 274 10.02 4.55 2.46
C ASP B 274 9.50 3.64 3.64
N MSE B 275 8.34 4.01 4.17
CA MSE B 275 7.88 3.38 5.39
C MSE B 275 7.61 1.90 5.14
O MSE B 275 7.83 1.10 6.00
CB MSE B 275 6.61 4.06 5.85
CG MSE B 275 6.03 3.46 7.14
SE MSE B 275 7.34 3.71 8.64
CE MSE B 275 6.65 2.25 9.78
N VAL B 276 7.08 1.55 3.97
CA VAL B 276 6.59 0.15 3.71
C VAL B 276 7.80 -0.82 3.55
N ALA B 277 8.86 -0.28 2.93
CA ALA B 277 10.14 -0.96 2.78
C ALA B 277 10.82 -1.11 4.16
N SER B 278 10.82 -0.03 4.95
CA SER B 278 11.33 -0.04 6.31
C SER B 278 10.58 -1.11 7.19
N ALA B 279 9.23 -1.10 7.15
CA ALA B 279 8.37 -2.08 7.84
C ALA B 279 8.79 -3.49 7.44
N LEU B 280 9.03 -3.73 6.15
CA LEU B 280 9.34 -5.09 5.76
C LEU B 280 10.64 -5.57 6.44
N LYS B 281 11.55 -4.64 6.57
CA LYS B 281 12.89 -4.91 6.94
C LYS B 281 13.11 -4.85 8.47
N TRP B 282 12.36 -4.01 9.20
CA TRP B 282 12.55 -3.86 10.64
C TRP B 282 11.96 -5.07 11.36
N SER B 283 12.28 -5.23 12.63
CA SER B 283 11.81 -6.35 13.36
C SER B 283 10.39 -6.09 13.92
N GLY B 284 9.93 -4.85 13.93
CA GLY B 284 8.53 -4.52 14.42
C GLY B 284 8.63 -3.69 15.69
N GLY B 285 7.59 -3.58 16.52
CA GLY B 285 7.77 -2.90 17.82
C GLY B 285 7.52 -1.41 17.68
N TYR B 286 6.47 -1.04 16.94
CA TYR B 286 6.03 0.35 16.83
C TYR B 286 4.54 0.45 16.49
N VAL B 287 3.95 1.62 16.71
CA VAL B 287 2.62 1.94 16.22
C VAL B 287 2.86 2.67 14.86
N TRP B 288 2.21 2.19 13.78
CA TRP B 288 2.33 2.79 12.45
C TRP B 288 1.02 3.46 12.16
N ALA B 289 0.97 4.78 12.26
CA ALA B 289 -0.26 5.51 11.94
C ALA B 289 -0.39 5.63 10.43
N CYS B 290 -1.51 5.14 9.94
CA CYS B 290 -1.78 5.07 8.47
C CYS B 290 -3.06 5.85 8.12
N LYS B 291 -3.02 6.64 7.05
CA LYS B 291 -4.20 7.17 6.42
C LYS B 291 -5.14 6.00 6.06
N ASN B 292 -6.42 6.28 6.07
CA ASN B 292 -7.48 5.27 5.87
C ASN B 292 -7.11 4.13 4.88
N TYR B 293 -6.81 4.54 3.63
CA TYR B 293 -6.52 3.62 2.58
C TYR B 293 -5.24 2.77 2.87
N ASP B 294 -4.19 3.43 3.32
CA ASP B 294 -2.97 2.69 3.51
C ASP B 294 -3.16 1.71 4.69
N GLY B 295 -4.00 2.07 5.68
CA GLY B 295 -4.15 1.25 6.87
C GLY B 295 -4.94 0.02 6.47
N ASP B 296 -5.87 0.21 5.53
CA ASP B 296 -6.67 -0.87 5.00
C ASP B 296 -5.70 -1.86 4.34
N VAL B 297 -4.92 -1.40 3.37
CA VAL B 297 -4.06 -2.24 2.59
C VAL B 297 -2.89 -2.79 3.42
N GLN B 298 -2.18 -1.92 4.16
CA GLN B 298 -1.02 -2.43 4.90
C GLN B 298 -1.31 -3.39 6.05
N SER B 299 -2.45 -3.21 6.73
CA SER B 299 -2.94 -4.10 7.76
C SER B 299 -2.99 -5.50 7.23
N ASP B 300 -3.43 -5.68 5.99
CA ASP B 300 -3.61 -7.06 5.51
C ASP B 300 -2.23 -7.73 5.21
N ILE B 301 -1.24 -6.91 4.84
CA ILE B 301 0.06 -7.40 4.54
C ILE B 301 0.73 -7.80 5.86
N VAL B 302 0.64 -6.91 6.85
CA VAL B 302 1.10 -7.20 8.19
C VAL B 302 0.51 -8.46 8.75
N ALA B 303 -0.83 -8.61 8.77
CA ALA B 303 -1.48 -9.83 9.22
C ALA B 303 -0.97 -11.11 8.52
N GLN B 304 -0.90 -11.04 7.20
CA GLN B 304 -0.54 -12.17 6.40
C GLN B 304 0.93 -12.51 6.65
N GLY B 305 1.75 -11.49 6.84
CA GLY B 305 3.17 -11.70 7.11
C GLY B 305 3.44 -12.42 8.43
N PHE B 306 2.64 -12.12 9.45
CA PHE B 306 2.83 -12.76 10.76
C PHE B 306 2.28 -14.16 10.71
N GLY B 307 1.41 -14.42 9.72
CA GLY B 307 1.08 -15.83 9.29
C GLY B 307 -0.36 -16.12 8.89
N SER B 308 -1.28 -15.24 9.23
CA SER B 308 -2.68 -15.47 8.90
C SER B 308 -3.57 -14.24 9.00
N LEU B 309 -4.43 -14.05 8.01
CA LEU B 309 -5.47 -13.00 8.06
C LEU B 309 -6.44 -13.19 9.25
N GLY B 310 -6.54 -14.42 9.75
CA GLY B 310 -7.40 -14.70 10.87
C GLY B 310 -6.81 -14.45 12.23
N LEU B 311 -5.56 -14.02 12.32
CA LEU B 311 -4.87 -13.83 13.62
C LEU B 311 -4.52 -12.30 13.77
N MSE B 312 -5.54 -11.47 13.90
CA MSE B 312 -5.47 -10.01 13.99
C MSE B 312 -6.63 -9.55 14.83
O MSE B 312 -7.72 -10.16 14.75
CB MSE B 312 -5.75 -9.27 12.70
CG MSE B 312 -4.61 -9.48 11.71
SE MSE B 312 -3.00 -8.41 12.20
CE MSE B 312 -3.77 -6.74 11.46
N THR B 313 -6.40 -8.52 15.66
CA THR B 313 -7.45 -7.78 16.26
C THR B 313 -7.72 -6.50 15.43
N SER B 314 -8.95 -5.97 15.39
CA SER B 314 -9.23 -4.58 14.86
C SER B 314 -10.18 -3.96 15.79
N VAL B 315 -9.68 -2.93 16.42
CA VAL B 315 -10.37 -2.26 17.40
C VAL B 315 -10.39 -0.80 17.04
N LEU B 316 -11.57 -0.32 16.69
CA LEU B 316 -11.77 1.09 16.45
C LEU B 316 -11.88 1.81 17.80
N MSE B 317 -11.09 2.87 18.03
CA MSE B 317 -11.13 3.63 19.34
C MSE B 317 -11.55 5.05 18.94
O MSE B 317 -10.90 5.63 18.08
CB MSE B 317 -9.78 3.58 20.12
CG MSE B 317 -9.60 2.42 21.15
SE MSE B 317 -7.80 1.54 21.50
CE MSE B 317 -7.88 -0.44 21.40
N THR B 318 -12.69 5.56 19.44
CA THR B 318 -13.25 6.90 18.99
C THR B 318 -12.38 8.02 19.46
N PRO B 319 -12.48 9.24 18.82
CA PRO B 319 -11.65 10.43 19.19
C PRO B 319 -11.62 10.79 20.71
N ASP B 320 -12.79 10.92 21.35
CA ASP B 320 -12.86 11.12 22.82
C ASP B 320 -12.15 10.08 23.76
N GLY B 321 -12.02 8.82 23.34
CA GLY B 321 -11.38 7.79 24.21
C GLY B 321 -12.41 7.05 25.06
N LYS B 322 -13.68 7.34 24.79
CA LYS B 322 -14.81 6.82 25.56
C LYS B 322 -15.45 5.60 24.88
N THR B 323 -15.05 5.32 23.66
CA THR B 323 -15.83 4.49 22.77
C THR B 323 -15.01 3.54 21.92
N VAL B 324 -15.43 2.29 21.92
CA VAL B 324 -14.64 1.28 21.22
C VAL B 324 -15.57 0.41 20.38
N GLU B 325 -15.15 0.02 19.19
CA GLU B 325 -15.87 -1.01 18.47
C GLU B 325 -14.87 -2.08 18.05
N ALA B 326 -15.00 -3.31 18.59
CA ALA B 326 -14.06 -4.39 18.23
C ALA B 326 -14.70 -5.28 17.18
N GLU B 327 -13.94 -5.59 16.15
CA GLU B 327 -14.50 -6.38 15.05
C GLU B 327 -13.68 -7.65 14.70
N ALA B 328 -14.35 -8.67 14.19
CA ALA B 328 -13.67 -9.81 13.64
C ALA B 328 -12.92 -9.45 12.32
N ALA B 329 -13.57 -9.01 11.27
CA ALA B 329 -12.64 -8.46 10.18
C ALA B 329 -11.76 -9.50 9.48
N HIS B 330 -12.40 -10.52 8.96
CA HIS B 330 -11.88 -11.35 7.84
C HIS B 330 -13.14 -11.76 7.10
N GLY B 331 -13.02 -12.69 6.18
CA GLY B 331 -14.18 -13.05 5.41
C GLY B 331 -15.11 -13.87 6.27
N THR B 332 -16.31 -14.10 5.77
CA THR B 332 -17.30 -14.88 6.50
C THR B 332 -17.23 -16.41 6.19
N VAL B 333 -16.15 -16.81 5.48
CA VAL B 333 -15.77 -18.23 5.20
C VAL B 333 -16.93 -19.01 4.53
N THR B 334 -17.24 -18.59 3.29
CA THR B 334 -18.35 -19.17 2.54
C THR B 334 -18.20 -20.70 2.36
N ARG B 335 -17.05 -21.19 1.85
CA ARG B 335 -16.83 -22.65 1.62
C ARG B 335 -17.39 -23.40 2.84
N HIS B 336 -16.98 -22.94 4.01
CA HIS B 336 -17.34 -23.62 5.25
C HIS B 336 -18.78 -23.52 5.55
N TYR B 337 -19.37 -22.38 5.23
CA TYR B 337 -20.77 -22.21 5.55
C TYR B 337 -21.66 -23.19 4.76
N ARG B 338 -21.30 -23.44 3.49
CA ARG B 338 -21.99 -24.45 2.67
C ARG B 338 -21.98 -25.83 3.30
N GLN B 339 -20.77 -26.34 3.57
CA GLN B 339 -20.59 -27.59 4.32
C GLN B 339 -21.47 -27.59 5.57
N HIS B 340 -21.47 -26.50 6.33
CA HIS B 340 -22.23 -26.49 7.59
C HIS B 340 -23.72 -26.57 7.36
N GLN B 341 -24.19 -25.93 6.29
CA GLN B 341 -25.60 -25.94 5.90
C GLN B 341 -26.04 -27.36 5.51
N LYS B 342 -25.23 -28.03 4.69
CA LYS B 342 -25.37 -29.44 4.37
C LYS B 342 -25.09 -30.34 5.59
N GLY B 343 -25.33 -29.83 6.80
CA GLY B 343 -24.90 -30.49 8.04
C GLY B 343 -23.57 -31.25 8.11
N GLU B 344 -22.66 -31.07 7.17
CA GLU B 344 -21.27 -31.60 7.26
C GLU B 344 -20.38 -30.94 8.35
N GLU B 345 -19.27 -31.59 8.67
CA GLU B 345 -18.37 -31.11 9.68
C GLU B 345 -17.47 -29.99 9.12
N THR B 346 -17.07 -29.05 9.98
CA THR B 346 -16.12 -27.99 9.59
C THR B 346 -15.02 -27.69 10.66
N SER B 347 -13.96 -27.02 10.26
CA SER B 347 -13.13 -26.35 11.26
C SER B 347 -12.65 -24.96 10.83
N THR B 348 -13.43 -24.03 11.37
CA THR B 348 -13.31 -22.61 11.13
C THR B 348 -12.65 -22.00 12.35
N ASN B 349 -11.66 -21.17 12.07
CA ASN B 349 -10.90 -20.59 13.10
C ASN B 349 -11.82 -19.60 13.83
N SER B 350 -11.96 -19.66 15.12
CA SER B 350 -12.80 -18.61 15.71
C SER B 350 -11.99 -17.66 16.58
N ILE B 351 -10.67 -17.64 16.44
CA ILE B 351 -9.88 -16.79 17.34
C ILE B 351 -10.14 -15.28 17.17
N ALA B 352 -10.20 -14.79 15.93
CA ALA B 352 -10.45 -13.36 15.68
C ALA B 352 -11.83 -12.96 16.30
N SER B 353 -12.84 -13.80 16.15
CA SER B 353 -14.15 -13.56 16.82
C SER B 353 -14.13 -13.52 18.34
N ILE B 354 -13.33 -14.38 18.93
CA ILE B 354 -13.19 -14.42 20.40
C ILE B 354 -12.56 -13.09 20.83
N PHE B 355 -11.53 -12.70 20.13
CA PHE B 355 -10.82 -11.47 20.47
C PHE B 355 -11.62 -10.21 20.18
N ALA B 356 -12.54 -10.23 19.23
CA ALA B 356 -13.54 -9.11 19.20
C ALA B 356 -14.32 -8.98 20.51
N TRP B 357 -14.81 -10.09 21.03
CA TRP B 357 -15.51 -10.11 22.36
C TRP B 357 -14.65 -9.61 23.48
N THR B 358 -13.44 -10.14 23.50
CA THR B 358 -12.50 -9.94 24.57
C THR B 358 -11.99 -8.49 24.56
N ARG B 359 -11.77 -7.92 23.35
CA ARG B 359 -11.36 -6.48 23.26
C ARG B 359 -12.52 -5.59 23.64
N GLY B 360 -13.73 -5.99 23.27
CA GLY B 360 -14.87 -5.21 23.67
C GLY B 360 -15.07 -5.24 25.19
N LEU B 361 -14.94 -6.42 25.78
CA LEU B 361 -15.23 -6.56 27.22
C LEU B 361 -14.16 -5.93 28.07
N ALA B 362 -12.89 -5.98 27.63
CA ALA B 362 -11.81 -5.20 28.35
C ALA B 362 -12.21 -3.73 28.38
N HIS B 363 -12.84 -3.21 27.33
CA HIS B 363 -13.13 -1.79 27.40
C HIS B 363 -14.37 -1.54 28.23
N ARG B 364 -15.30 -2.49 28.22
CA ARG B 364 -16.45 -2.38 29.06
C ARG B 364 -15.96 -2.35 30.51
N ALA B 365 -14.96 -3.16 30.80
CA ALA B 365 -14.38 -3.22 32.16
C ALA B 365 -13.70 -1.90 32.55
N LYS B 366 -12.92 -1.35 31.63
CA LYS B 366 -12.23 -0.11 31.88
C LYS B 366 -13.29 0.93 32.18
N LEU B 367 -14.36 1.01 31.38
CA LEU B 367 -15.41 2.02 31.63
C LEU B 367 -16.13 1.81 32.98
N ASP B 368 -16.38 0.56 33.36
CA ASP B 368 -17.10 0.30 34.59
C ASP B 368 -16.18 0.18 35.81
N GLY B 369 -14.87 0.13 35.63
CA GLY B 369 -13.98 -0.23 36.75
C GLY B 369 -14.24 -1.64 37.26
N ASN B 370 -14.41 -2.59 36.36
CA ASN B 370 -14.78 -3.96 36.73
C ASN B 370 -13.58 -4.90 36.57
N ALA B 371 -12.84 -5.04 37.68
CA ALA B 371 -11.55 -5.72 37.71
C ALA B 371 -11.67 -7.20 37.32
N GLU B 372 -12.77 -7.84 37.71
CA GLU B 372 -13.03 -9.24 37.35
C GLU B 372 -13.38 -9.42 35.87
N LEU B 373 -14.08 -8.46 35.26
CA LEU B 373 -14.26 -8.52 33.79
C LEU B 373 -12.91 -8.34 33.03
N ALA B 374 -12.08 -7.40 33.48
CA ALA B 374 -10.76 -7.12 32.87
C ALA B 374 -9.92 -8.41 32.91
N LYS B 375 -9.97 -9.12 34.04
CA LYS B 375 -9.12 -10.27 34.20
C LYS B 375 -9.70 -11.39 33.32
N PHE B 376 -11.01 -11.55 33.33
CA PHE B 376 -11.64 -12.45 32.40
C PHE B 376 -11.19 -12.21 30.95
N SER B 377 -11.15 -10.97 30.47
CA SER B 377 -10.72 -10.76 29.08
C SER B 377 -9.31 -11.21 28.81
N GLU B 378 -8.41 -10.73 29.65
CA GLU B 378 -7.00 -10.96 29.48
C GLU B 378 -6.78 -12.45 29.52
N THR B 379 -7.49 -13.13 30.44
CA THR B 379 -7.33 -14.57 30.61
C THR B 379 -7.79 -15.34 29.37
N LEU B 380 -9.00 -15.05 28.88
CA LEU B 380 -9.45 -15.73 27.67
C LEU B 380 -8.50 -15.43 26.47
N GLU B 381 -7.94 -14.23 26.42
CA GLU B 381 -6.94 -13.98 25.33
C GLU B 381 -5.72 -14.89 25.44
N ARG B 382 -5.11 -14.97 26.63
CA ARG B 382 -3.94 -15.88 26.83
C ARG B 382 -4.28 -17.34 26.57
N VAL B 383 -5.47 -17.77 26.98
CA VAL B 383 -5.96 -19.12 26.72
C VAL B 383 -5.93 -19.45 25.24
N CYS B 384 -6.49 -18.57 24.42
CA CYS B 384 -6.45 -18.81 22.98
C CYS B 384 -5.03 -19.07 22.47
N VAL B 385 -4.09 -18.21 22.88
CA VAL B 385 -2.72 -18.25 22.37
C VAL B 385 -2.10 -19.57 22.90
N ASP B 386 -2.25 -19.83 24.22
CA ASP B 386 -1.78 -21.09 24.89
C ASP B 386 -2.37 -22.37 24.33
N THR B 387 -3.64 -22.35 23.94
CA THR B 387 -4.24 -23.54 23.34
C THR B 387 -3.54 -23.77 22.02
N VAL B 388 -3.44 -22.73 21.19
CA VAL B 388 -2.86 -22.97 19.86
C VAL B 388 -1.39 -23.44 20.01
N GLU B 389 -0.66 -22.79 20.91
CA GLU B 389 0.76 -23.10 21.11
C GLU B 389 0.97 -24.51 21.73
N SER B 390 -0.07 -25.08 22.37
CA SER B 390 -0.17 -26.47 22.88
C SER B 390 -0.38 -27.43 21.79
N GLY B 391 -0.84 -26.98 20.67
CA GLY B 391 -0.97 -27.94 19.60
C GLY B 391 -2.45 -28.17 19.31
N PHE B 392 -3.34 -27.43 19.99
CA PHE B 392 -4.76 -27.55 19.71
C PHE B 392 -5.30 -26.35 18.89
N MSE B 393 -5.60 -26.56 17.61
CA MSE B 393 -5.97 -25.46 16.69
C MSE B 393 -6.90 -25.98 15.59
O MSE B 393 -7.15 -27.18 15.48
CB MSE B 393 -4.68 -24.91 16.06
CG MSE B 393 -4.07 -26.00 15.19
SE MSE B 393 -2.23 -25.57 14.68
CE MSE B 393 -1.35 -26.03 16.36
N THR B 394 -7.43 -25.07 14.76
CA THR B 394 -8.30 -25.44 13.66
C THR B 394 -7.49 -25.69 12.43
N LYS B 395 -8.12 -26.31 11.43
CA LYS B 395 -7.45 -26.76 10.21
C LYS B 395 -6.57 -25.71 9.50
N ASP B 396 -7.13 -24.52 9.25
CA ASP B 396 -6.38 -23.42 8.56
C ASP B 396 -4.95 -23.18 9.18
N LEU B 397 -4.85 -23.13 10.52
CA LEU B 397 -3.56 -23.00 11.23
C LEU B 397 -2.69 -24.28 11.18
N ALA B 398 -3.34 -25.45 11.40
CA ALA B 398 -2.68 -26.74 11.28
C ALA B 398 -1.99 -26.78 9.94
N LEU B 399 -2.71 -26.42 8.88
CA LEU B 399 -2.18 -26.52 7.53
C LEU B 399 -0.96 -25.61 7.32
N LEU B 400 -0.88 -24.45 8.01
CA LEU B 400 0.29 -23.58 7.93
C LEU B 400 1.52 -24.22 8.62
N ILE B 401 1.33 -25.03 9.66
CA ILE B 401 2.43 -25.62 10.39
C ILE B 401 3.07 -26.73 9.58
N GLY B 402 2.29 -27.60 8.96
CA GLY B 402 2.80 -28.67 8.10
C GLY B 402 1.79 -29.81 7.92
N PRO B 403 2.08 -30.73 6.98
CA PRO B 403 1.09 -31.78 6.55
C PRO B 403 0.68 -32.75 7.64
N ASP B 404 1.46 -32.83 8.71
CA ASP B 404 1.21 -33.78 9.82
C ASP B 404 0.39 -33.23 11.00
N GLN B 405 0.32 -31.91 11.17
CA GLN B 405 -0.36 -31.34 12.34
C GLN B 405 -1.87 -31.69 12.38
N PRO B 406 -2.33 -32.37 13.45
CA PRO B 406 -3.76 -32.62 13.48
C PRO B 406 -4.51 -31.29 13.83
N TRP B 407 -5.80 -31.24 13.51
CA TRP B 407 -6.66 -30.13 13.90
C TRP B 407 -7.93 -30.61 14.52
N LEU B 408 -8.57 -29.75 15.31
CA LEU B 408 -9.92 -29.95 15.83
C LEU B 408 -10.94 -29.31 14.94
N SER B 409 -12.18 -29.71 15.16
CA SER B 409 -13.31 -29.20 14.39
C SER B 409 -13.65 -27.82 14.99
N THR B 410 -14.52 -27.08 14.33
CA THR B 410 -15.00 -25.79 14.86
C THR B 410 -15.47 -25.76 16.29
N THR B 411 -16.34 -26.69 16.66
CA THR B 411 -16.83 -26.78 18.05
C THR B 411 -15.79 -27.48 18.90
N GLY B 412 -15.06 -28.42 18.31
CA GLY B 412 -13.93 -29.06 19.05
C GLY B 412 -12.89 -28.03 19.53
N PHE B 413 -12.52 -27.12 18.63
CA PHE B 413 -11.64 -26.01 19.03
C PHE B 413 -12.23 -25.18 20.18
N LEU B 414 -13.48 -24.71 20.03
CA LEU B 414 -14.12 -23.95 21.13
C LEU B 414 -14.27 -24.72 22.45
N ASP B 415 -14.53 -26.02 22.35
CA ASP B 415 -14.63 -26.76 23.63
C ASP B 415 -13.30 -26.79 24.31
N LYS B 416 -12.23 -26.95 23.52
CA LYS B 416 -10.90 -26.92 24.14
C LYS B 416 -10.61 -25.58 24.83
N ILE B 417 -10.86 -24.48 24.12
CA ILE B 417 -10.74 -23.14 24.71
C ILE B 417 -11.57 -23.05 26.00
N ASP B 418 -12.82 -23.49 25.93
CA ASP B 418 -13.73 -23.52 27.11
C ASP B 418 -13.09 -24.27 28.26
N GLU B 419 -12.66 -25.49 27.97
CA GLU B 419 -12.02 -26.34 28.98
C GLU B 419 -10.78 -25.63 29.61
N ASN B 420 -9.93 -25.06 28.75
CA ASN B 420 -8.75 -24.34 29.25
C ASN B 420 -9.09 -23.12 30.07
N LEU B 421 -10.22 -22.49 29.71
CA LEU B 421 -10.62 -21.24 30.31
C LEU B 421 -11.14 -21.50 31.72
N ARG B 422 -11.91 -22.57 31.91
CA ARG B 422 -12.36 -22.91 33.31
C ARG B 422 -11.14 -23.19 34.16
N LYS B 423 -10.27 -24.06 33.67
CA LYS B 423 -9.01 -24.32 34.33
C LYS B 423 -8.32 -23.00 34.69
N ALA B 424 -8.02 -22.16 33.69
CA ALA B 424 -7.37 -20.86 33.93
C ALA B 424 -8.06 -20.01 34.99
N MSE B 425 -9.40 -20.02 34.98
CA MSE B 425 -10.22 -19.13 35.86
C MSE B 425 -10.21 -19.62 37.32
O MSE B 425 -10.25 -18.79 38.25
CB MSE B 425 -11.68 -18.93 35.34
CG MSE B 425 -11.93 -17.97 34.14
SE MSE B 425 -11.06 -16.18 34.32
CE MSE B 425 -12.61 -15.48 35.36
N ALA B 426 -10.13 -20.93 37.54
CA ALA B 426 -10.18 -21.54 38.90
C ALA B 426 -9.02 -21.17 39.84
S SO4 C . 9.44 11.46 -6.83
O1 SO4 C . 9.96 12.05 -8.10
O2 SO4 C . 8.22 10.66 -7.10
O3 SO4 C . 10.48 10.64 -6.19
O4 SO4 C . 9.14 12.60 -5.90
S SO4 D . -1.51 19.14 -17.18
O1 SO4 D . -2.96 19.23 -17.49
O2 SO4 D . -0.99 17.80 -17.58
O3 SO4 D . -0.75 20.21 -17.87
O4 SO4 D . -1.39 19.37 -15.72
#